data_2B8T
#
_entry.id   2B8T
#
_cell.length_a   57.158
_cell.length_b   115.649
_cell.length_c   64.474
_cell.angle_alpha   90.00
_cell.angle_beta   101.02
_cell.angle_gamma   90.00
#
_symmetry.space_group_name_H-M   'P 1 21 1'
#
loop_
_entity.id
_entity.type
_entity.pdbx_description
1 polymer 'Thymidine kinase'
2 non-polymer 'ZINC ION'
3 non-polymer THYMIDINE
4 non-polymer 2-AMINO-2-HYDROXYMETHYL-PROPANE-1,3-DIOL
5 water water
#
_entity_poly.entity_id   1
_entity_poly.type   'polypeptide(L)'
_entity_poly.pdbx_seq_one_letter_code
;MAKVNAFSKKIGWIEFITGPMFAGKTAELIRRLHRLEYADVKYLVFKPKIDTRSIRNIQSRTGTSLPSVEVESAPEILNY
IMSNSFNDETKVIGIDEVQFFDDRICEVANILAENGFVVIISGLDKNFKGEPFGPIAKLFTYADKITKLTAICNECGAEA
THSLRKIDGKHADYNDDIVKIGCQEFYSAVCRHHHKVPNRPYLNSNSEEFIKFFKNKKRNKNI
;
_entity_poly.pdbx_strand_id   A,B,C,D
#
# COMPACT_ATOMS: atom_id res chain seq x y z
N ILE A 11 -4.05 19.88 -7.52
CA ILE A 11 -5.09 19.94 -8.61
C ILE A 11 -6.01 18.71 -8.53
N GLY A 12 -6.20 18.04 -9.67
CA GLY A 12 -6.86 16.75 -9.69
C GLY A 12 -5.85 15.61 -9.79
N TRP A 13 -6.36 14.40 -9.81
CA TRP A 13 -5.51 13.21 -9.93
C TRP A 13 -6.33 12.03 -10.39
N ILE A 14 -5.65 10.90 -10.63
CA ILE A 14 -6.29 9.65 -11.02
C ILE A 14 -6.03 8.60 -9.95
N GLU A 15 -7.10 7.93 -9.51
CA GLU A 15 -7.00 6.75 -8.64
C GLU A 15 -7.45 5.53 -9.45
N PHE A 16 -6.68 4.46 -9.41
CA PHE A 16 -6.96 3.27 -10.21
C PHE A 16 -7.11 2.03 -9.32
N ILE A 17 -8.30 1.42 -9.38
CA ILE A 17 -8.65 0.24 -8.60
C ILE A 17 -8.68 -0.95 -9.55
N THR A 18 -7.88 -1.98 -9.26
CA THR A 18 -7.74 -3.08 -10.21
C THR A 18 -7.57 -4.44 -9.52
N GLY A 19 -7.30 -5.46 -10.33
CA GLY A 19 -7.26 -6.83 -9.83
C GLY A 19 -8.16 -7.73 -10.65
N PRO A 20 -8.21 -9.04 -10.32
CA PRO A 20 -8.99 -9.97 -11.10
C PRO A 20 -10.47 -9.89 -10.72
N MET A 21 -11.27 -10.72 -11.39
CA MET A 21 -12.65 -10.90 -10.97
C MET A 21 -12.73 -11.46 -9.56
N PHE A 22 -13.83 -11.15 -8.89
CA PHE A 22 -14.14 -11.63 -7.53
C PHE A 22 -13.22 -11.05 -6.46
N ALA A 23 -12.57 -9.92 -6.78
CA ALA A 23 -11.70 -9.21 -5.85
C ALA A 23 -12.44 -8.08 -5.11
N GLY A 24 -13.66 -7.80 -5.56
CA GLY A 24 -14.51 -6.78 -4.96
C GLY A 24 -14.18 -5.37 -5.45
N LYS A 25 -13.66 -5.28 -6.67
CA LYS A 25 -13.29 -3.98 -7.26
C LYS A 25 -14.41 -2.94 -7.22
N THR A 26 -15.61 -3.34 -7.61
CA THR A 26 -16.76 -2.44 -7.65
C THR A 26 -17.19 -2.01 -6.25
N ALA A 27 -17.10 -2.93 -5.30
CA ALA A 27 -17.37 -2.63 -3.90
C ALA A 27 -16.42 -1.55 -3.38
N GLU A 28 -15.16 -1.62 -3.79
CA GLU A 28 -14.16 -0.65 -3.38
C GLU A 28 -14.45 0.72 -4.00
N LEU A 29 -14.86 0.73 -5.27
CA LEU A 29 -15.28 1.97 -5.92
C LEU A 29 -16.48 2.59 -5.18
N ILE A 30 -17.47 1.77 -4.83
CA ILE A 30 -18.65 2.22 -4.09
C ILE A 30 -18.25 2.80 -2.72
N ARG A 31 -17.34 2.12 -2.02
CA ARG A 31 -16.83 2.64 -0.75
C ARG A 31 -16.29 4.07 -0.90
N ARG A 32 -15.46 4.28 -1.92
CA ARG A 32 -14.83 5.57 -2.15
C ARG A 32 -15.83 6.65 -2.53
N LEU A 33 -16.87 6.30 -3.28
CA LEU A 33 -17.94 7.25 -3.59
C LEU A 33 -18.84 7.57 -2.39
N HIS A 34 -19.16 6.55 -1.59
CA HIS A 34 -19.99 6.76 -0.39
C HIS A 34 -19.36 7.73 0.62
N ARG A 35 -18.03 7.71 0.74
CA ARG A 35 -17.36 8.65 1.67
C ARG A 35 -17.50 10.11 1.22
N LEU A 36 -17.59 10.33 -0.11
CA LEU A 36 -17.88 11.66 -0.65
C LEU A 36 -19.25 12.18 -0.24
N GLU A 37 -20.24 11.29 -0.18
CA GLU A 37 -21.60 11.66 0.22
C GLU A 37 -21.71 12.23 1.62
N TYR A 38 -20.90 11.76 2.56
CA TYR A 38 -20.95 12.26 3.94
C TYR A 38 -20.42 13.68 4.06
N ALA A 39 -19.53 14.07 3.15
CA ALA A 39 -19.03 15.44 3.09
C ALA A 39 -19.83 16.26 2.09
N ASP A 40 -20.88 15.64 1.54
CA ASP A 40 -21.73 16.25 0.51
C ASP A 40 -20.90 16.74 -0.68
N VAL A 41 -19.97 15.89 -1.12
CA VAL A 41 -19.18 16.14 -2.31
C VAL A 41 -19.81 15.39 -3.48
N LYS A 42 -20.09 16.13 -4.55
CA LYS A 42 -20.78 15.59 -5.72
C LYS A 42 -19.83 14.79 -6.60
N TYR A 43 -20.34 13.70 -7.15
CA TYR A 43 -19.56 12.85 -8.03
C TYR A 43 -20.45 12.37 -9.18
N LEU A 44 -19.82 11.86 -10.23
CA LEU A 44 -20.56 11.28 -11.36
C LEU A 44 -19.81 10.09 -11.93
N VAL A 45 -20.53 8.98 -12.07
CA VAL A 45 -19.94 7.73 -12.54
C VAL A 45 -20.29 7.44 -14.01
N PHE A 46 -19.28 7.02 -14.78
CA PHE A 46 -19.43 6.60 -16.17
C PHE A 46 -19.05 5.13 -16.35
N LYS A 47 -19.61 4.50 -17.38
CA LYS A 47 -19.31 3.09 -17.70
C LYS A 47 -19.35 2.92 -19.21
N PRO A 48 -18.41 2.12 -19.77
CA PRO A 48 -18.49 1.94 -21.22
C PRO A 48 -19.63 1.02 -21.63
N LYS A 49 -20.30 1.36 -22.73
CA LYS A 49 -21.32 0.50 -23.30
C LYS A 49 -20.62 -0.33 -24.39
N ILE A 50 -20.46 -1.63 -24.13
CA ILE A 50 -19.89 -2.52 -25.14
C ILE A 50 -20.80 -2.58 -26.38
N ASP A 51 -20.16 -2.58 -27.54
CA ASP A 51 -20.84 -2.81 -28.81
C ASP A 51 -21.24 -4.28 -28.89
N THR A 52 -22.54 -4.52 -28.71
CA THR A 52 -23.09 -5.89 -28.66
C THR A 52 -23.02 -6.64 -30.01
N ARG A 53 -22.78 -5.92 -31.09
CA ARG A 53 -22.56 -6.52 -32.40
C ARG A 53 -21.23 -7.27 -32.44
N SER A 54 -20.28 -6.82 -31.63
CA SER A 54 -18.98 -7.46 -31.51
C SER A 54 -18.93 -8.55 -30.43
N ILE A 55 -20.04 -8.70 -29.70
CA ILE A 55 -20.18 -9.78 -28.71
C ILE A 55 -20.67 -11.06 -29.41
N ARG A 56 -19.93 -12.16 -29.21
CA ARG A 56 -20.25 -13.46 -29.80
C ARG A 56 -21.66 -13.93 -29.43
N ASN A 57 -21.92 -14.05 -28.14
CA ASN A 57 -23.23 -14.44 -27.65
C ASN A 57 -23.79 -13.46 -26.63
N ILE A 58 -24.83 -12.74 -27.05
CA ILE A 58 -25.50 -11.75 -26.22
C ILE A 58 -26.39 -12.43 -25.18
N GLN A 59 -26.26 -11.99 -23.93
CA GLN A 59 -27.19 -12.33 -22.85
C GLN A 59 -27.85 -11.04 -22.36
N SER A 60 -29.17 -11.07 -22.18
CA SER A 60 -29.90 -9.87 -21.73
C SER A 60 -30.06 -9.84 -20.20
N ARG A 61 -29.44 -8.84 -19.59
CA ARG A 61 -29.41 -8.64 -18.14
C ARG A 61 -29.09 -7.17 -17.88
N THR A 62 -29.74 -6.57 -16.88
CA THR A 62 -29.53 -5.16 -16.58
C THR A 62 -29.15 -4.84 -15.13
N GLY A 63 -29.13 -5.86 -14.27
CA GLY A 63 -28.82 -5.67 -12.85
C GLY A 63 -27.44 -5.04 -12.63
N THR A 64 -27.38 -4.06 -11.73
CA THR A 64 -26.12 -3.42 -11.36
C THR A 64 -26.16 -2.84 -9.95
N SER A 65 -25.01 -2.82 -9.28
CA SER A 65 -24.92 -2.31 -7.92
C SER A 65 -24.60 -0.81 -7.88
N LEU A 66 -24.24 -0.24 -9.03
CA LEU A 66 -23.77 1.15 -9.08
C LEU A 66 -24.35 1.92 -10.26
N PRO A 67 -25.19 2.93 -9.97
CA PRO A 67 -25.64 3.88 -10.99
C PRO A 67 -24.48 4.55 -11.71
N SER A 68 -24.54 4.52 -13.04
CA SER A 68 -23.53 5.16 -13.88
C SER A 68 -24.13 5.49 -15.24
N VAL A 69 -23.55 6.50 -15.90
CA VAL A 69 -23.96 6.90 -17.25
C VAL A 69 -23.17 6.05 -18.26
N GLU A 70 -23.89 5.30 -19.09
CA GLU A 70 -23.25 4.54 -20.17
C GLU A 70 -22.82 5.48 -21.29
N VAL A 71 -21.58 5.29 -21.76
CA VAL A 71 -21.07 6.02 -22.91
C VAL A 71 -20.50 5.06 -23.95
N GLU A 72 -20.67 5.40 -25.22
CA GLU A 72 -20.23 4.53 -26.30
C GLU A 72 -18.71 4.59 -26.50
N SER A 73 -18.11 5.74 -26.18
CA SER A 73 -16.66 5.92 -26.28
C SER A 73 -16.14 6.90 -25.24
N ALA A 74 -14.84 6.81 -24.93
CA ALA A 74 -14.22 7.64 -23.89
C ALA A 74 -14.37 9.16 -24.05
N PRO A 75 -14.20 9.71 -25.29
CA PRO A 75 -14.41 11.16 -25.48
C PRO A 75 -15.80 11.68 -25.12
N GLU A 76 -16.82 10.81 -25.14
CA GLU A 76 -18.18 11.21 -24.77
C GLU A 76 -18.31 11.61 -23.29
N ILE A 77 -17.34 11.20 -22.46
CA ILE A 77 -17.27 11.67 -21.07
C ILE A 77 -17.09 13.19 -21.06
N LEU A 78 -16.18 13.69 -21.89
CA LEU A 78 -15.88 15.12 -21.95
C LEU A 78 -17.06 15.91 -22.53
N ASN A 79 -17.74 15.31 -23.51
CA ASN A 79 -18.96 15.92 -24.08
C ASN A 79 -20.08 16.01 -23.06
N TYR A 80 -20.23 14.97 -22.24
CA TYR A 80 -21.25 14.98 -21.18
C TYR A 80 -20.98 16.11 -20.19
N ILE A 81 -19.71 16.27 -19.81
CA ILE A 81 -19.30 17.31 -18.86
C ILE A 81 -19.50 18.73 -19.44
N MET A 82 -19.42 18.84 -20.75
CA MET A 82 -19.70 20.10 -21.44
C MET A 82 -21.19 20.36 -21.65
N SER A 83 -22.01 19.32 -21.44
CA SER A 83 -23.46 19.40 -21.69
C SER A 83 -24.27 19.98 -20.53
N ASN A 84 -25.55 20.24 -20.79
CA ASN A 84 -26.49 20.75 -19.79
C ASN A 84 -26.85 19.73 -18.71
N SER A 85 -26.65 18.44 -19.01
CA SER A 85 -26.94 17.34 -18.08
C SER A 85 -25.97 17.32 -16.90
N PHE A 86 -24.83 17.99 -17.06
CA PHE A 86 -23.78 17.95 -16.05
C PHE A 86 -23.93 19.04 -14.99
N ASN A 87 -23.91 18.61 -13.74
CA ASN A 87 -23.89 19.52 -12.60
C ASN A 87 -22.48 20.12 -12.43
N ASP A 88 -22.40 21.44 -12.46
CA ASP A 88 -21.13 22.18 -12.45
C ASP A 88 -20.34 22.07 -11.14
N GLU A 89 -21.00 21.56 -10.09
CA GLU A 89 -20.35 21.41 -8.79
C GLU A 89 -19.67 20.06 -8.65
N THR A 90 -19.87 19.18 -9.64
CA THR A 90 -19.28 17.85 -9.64
C THR A 90 -17.76 17.93 -9.85
N LYS A 91 -17.02 17.41 -8.89
CA LYS A 91 -15.55 17.44 -8.95
C LYS A 91 -14.90 16.05 -8.96
N VAL A 92 -15.69 15.00 -8.82
CA VAL A 92 -15.21 13.63 -8.91
C VAL A 92 -15.89 12.87 -10.04
N ILE A 93 -15.06 12.22 -10.87
CA ILE A 93 -15.53 11.40 -11.98
C ILE A 93 -15.16 9.95 -11.69
N GLY A 94 -16.17 9.11 -11.55
CA GLY A 94 -15.97 7.68 -11.36
C GLY A 94 -16.10 6.96 -12.69
N ILE A 95 -15.29 5.92 -12.88
CA ILE A 95 -15.32 5.13 -14.12
C ILE A 95 -15.19 3.64 -13.77
N ASP A 96 -16.25 2.88 -14.06
CA ASP A 96 -16.28 1.45 -13.76
C ASP A 96 -16.05 0.64 -15.05
N GLU A 97 -15.57 -0.60 -14.90
CA GLU A 97 -15.31 -1.51 -16.01
C GLU A 97 -14.49 -0.87 -17.13
N VAL A 98 -13.45 -0.14 -16.74
CA VAL A 98 -12.68 0.69 -17.66
C VAL A 98 -12.02 -0.07 -18.82
N GLN A 99 -11.79 -1.37 -18.61
CA GLN A 99 -11.08 -2.22 -19.59
C GLN A 99 -11.81 -2.37 -20.90
N PHE A 100 -13.11 -2.05 -20.92
CA PHE A 100 -13.90 -2.09 -22.16
C PHE A 100 -13.77 -0.85 -23.04
N PHE A 101 -13.14 0.22 -22.53
CA PHE A 101 -12.81 1.37 -23.37
C PHE A 101 -11.64 1.00 -24.28
N ASP A 102 -11.36 1.84 -25.28
CA ASP A 102 -10.10 1.70 -26.02
C ASP A 102 -9.06 2.69 -25.47
N ASP A 103 -7.96 2.85 -26.20
CA ASP A 103 -6.83 3.72 -25.80
C ASP A 103 -7.23 5.18 -25.49
N ARG A 104 -8.30 5.64 -26.13
CA ARG A 104 -8.79 7.01 -25.97
C ARG A 104 -9.14 7.43 -24.52
N ILE A 105 -9.32 6.45 -23.63
CA ILE A 105 -9.61 6.76 -22.22
C ILE A 105 -8.45 7.45 -21.49
N CYS A 106 -7.21 7.13 -21.89
CA CYS A 106 -6.02 7.68 -21.24
C CYS A 106 -5.97 9.20 -21.32
N GLU A 107 -6.10 9.74 -22.53
CA GLU A 107 -6.12 11.20 -22.73
C GLU A 107 -7.29 11.85 -21.97
N VAL A 108 -8.46 11.22 -22.03
CA VAL A 108 -9.64 11.71 -21.29
C VAL A 108 -9.36 11.83 -19.79
N ALA A 109 -8.91 10.74 -19.18
CA ALA A 109 -8.58 10.74 -17.75
C ALA A 109 -7.52 11.79 -17.37
N ASN A 110 -6.47 11.89 -18.17
CA ASN A 110 -5.41 12.88 -17.96
C ASN A 110 -5.89 14.33 -17.99
N ILE A 111 -6.65 14.67 -19.03
CA ILE A 111 -7.22 16.02 -19.17
C ILE A 111 -8.12 16.38 -18.00
N LEU A 112 -8.94 15.41 -17.56
CA LEU A 112 -9.78 15.59 -16.39
C LEU A 112 -8.93 15.93 -15.16
N ALA A 113 -7.93 15.10 -14.89
CA ALA A 113 -6.99 15.32 -13.78
C ALA A 113 -6.26 16.65 -13.90
N GLU A 114 -5.82 17.00 -15.11
CA GLU A 114 -5.13 18.27 -15.36
C GLU A 114 -6.04 19.48 -15.13
N ASN A 115 -7.35 19.26 -15.15
CA ASN A 115 -8.33 20.32 -15.01
C ASN A 115 -9.10 20.36 -13.67
N GLY A 116 -8.57 19.67 -12.66
CA GLY A 116 -9.09 19.79 -11.30
C GLY A 116 -10.00 18.68 -10.81
N PHE A 117 -10.28 17.70 -11.67
CA PHE A 117 -11.12 16.55 -11.29
C PHE A 117 -10.31 15.46 -10.61
N VAL A 118 -10.93 14.81 -9.62
CA VAL A 118 -10.44 13.54 -9.12
C VAL A 118 -11.14 12.46 -9.94
N VAL A 119 -10.35 11.60 -10.57
CA VAL A 119 -10.89 10.54 -11.43
C VAL A 119 -10.65 9.22 -10.72
N ILE A 120 -11.72 8.52 -10.37
CA ILE A 120 -11.60 7.25 -9.68
C ILE A 120 -12.02 6.13 -10.64
N ILE A 121 -11.05 5.31 -11.01
CA ILE A 121 -11.22 4.34 -12.10
C ILE A 121 -11.16 2.93 -11.57
N SER A 122 -12.09 2.08 -12.01
CA SER A 122 -12.08 0.66 -11.67
C SER A 122 -12.07 -0.21 -12.92
N GLY A 123 -11.30 -1.29 -12.90
CA GLY A 123 -11.31 -2.24 -14.02
C GLY A 123 -10.40 -3.43 -13.85
N LEU A 124 -10.64 -4.47 -14.66
CA LEU A 124 -9.80 -5.68 -14.67
C LEU A 124 -8.44 -5.40 -15.27
N ASP A 125 -7.37 -5.85 -14.62
CA ASP A 125 -6.03 -5.66 -15.16
C ASP A 125 -5.66 -6.66 -16.26
N LYS A 126 -6.21 -7.87 -16.18
CA LYS A 126 -5.88 -8.92 -17.14
C LYS A 126 -7.14 -9.45 -17.80
N ASN A 127 -7.07 -9.76 -19.10
CA ASN A 127 -8.12 -10.54 -19.72
C ASN A 127 -7.88 -12.02 -19.38
N PHE A 128 -8.75 -12.90 -19.88
CA PHE A 128 -8.66 -14.32 -19.56
C PHE A 128 -7.29 -14.97 -19.92
N LYS A 129 -6.58 -14.37 -20.88
CA LYS A 129 -5.28 -14.89 -21.33
C LYS A 129 -4.17 -14.56 -20.36
N GLY A 130 -4.48 -13.75 -19.35
CA GLY A 130 -3.49 -13.25 -18.42
C GLY A 130 -2.71 -12.06 -18.95
N GLU A 131 -3.14 -11.52 -20.08
CA GLU A 131 -2.48 -10.39 -20.74
C GLU A 131 -3.21 -9.09 -20.39
N PRO A 132 -2.55 -7.91 -20.61
CA PRO A 132 -3.24 -6.66 -20.22
C PRO A 132 -4.59 -6.49 -20.94
N PHE A 133 -5.59 -6.05 -20.19
CA PHE A 133 -6.94 -5.91 -20.72
C PHE A 133 -7.14 -4.52 -21.34
N GLY A 134 -7.18 -4.47 -22.68
CA GLY A 134 -7.44 -3.21 -23.39
C GLY A 134 -6.45 -2.11 -23.05
N PRO A 135 -6.96 -0.96 -22.56
CA PRO A 135 -6.09 0.18 -22.38
C PRO A 135 -5.53 0.31 -20.97
N ILE A 136 -5.74 -0.70 -20.11
CA ILE A 136 -5.38 -0.54 -18.70
C ILE A 136 -3.88 -0.46 -18.43
N ALA A 137 -3.06 -1.07 -19.30
CA ALA A 137 -1.62 -1.02 -19.12
C ALA A 137 -1.17 0.44 -19.06
N LYS A 138 -1.58 1.23 -20.05
CA LYS A 138 -1.26 2.65 -20.08
C LYS A 138 -1.86 3.40 -18.88
N LEU A 139 -3.05 3.00 -18.44
CA LEU A 139 -3.71 3.65 -17.29
C LEU A 139 -2.93 3.54 -16.00
N PHE A 140 -2.30 2.39 -15.77
CA PHE A 140 -1.39 2.19 -14.65
C PHE A 140 -0.32 3.28 -14.63
N THR A 141 0.25 3.56 -15.80
CA THR A 141 1.32 4.55 -15.92
C THR A 141 0.82 5.95 -15.56
N TYR A 142 -0.39 6.29 -15.99
CA TYR A 142 -0.95 7.63 -15.77
C TYR A 142 -1.59 7.85 -14.40
N ALA A 143 -1.98 6.76 -13.74
CA ALA A 143 -2.62 6.84 -12.42
C ALA A 143 -1.64 7.30 -11.34
N ASP A 144 -2.06 8.29 -10.57
CA ASP A 144 -1.28 8.74 -9.43
C ASP A 144 -1.22 7.65 -8.36
N LYS A 145 -2.36 7.01 -8.12
CA LYS A 145 -2.48 6.00 -7.07
C LYS A 145 -3.06 4.71 -7.64
N ILE A 146 -2.40 3.60 -7.35
CA ILE A 146 -2.87 2.28 -7.80
C ILE A 146 -3.21 1.41 -6.60
N THR A 147 -4.35 0.71 -6.68
CA THR A 147 -4.71 -0.29 -5.70
C THR A 147 -5.01 -1.55 -6.46
N LYS A 148 -4.07 -2.49 -6.44
CA LYS A 148 -4.31 -3.79 -7.05
C LYS A 148 -4.88 -4.73 -5.98
N LEU A 149 -6.18 -5.02 -6.10
CA LEU A 149 -6.84 -5.93 -5.17
C LEU A 149 -6.56 -7.36 -5.56
N THR A 150 -6.66 -8.25 -4.57
CA THR A 150 -6.57 -9.68 -4.81
C THR A 150 -7.91 -10.37 -4.52
N ALA A 151 -8.14 -11.47 -5.23
CA ALA A 151 -9.23 -12.38 -4.91
C ALA A 151 -8.63 -13.60 -4.18
N ILE A 152 -9.44 -14.63 -3.98
CA ILE A 152 -8.95 -15.88 -3.38
C ILE A 152 -8.95 -16.97 -4.43
N CYS A 153 -7.84 -17.69 -4.56
CA CYS A 153 -7.72 -18.73 -5.58
C CYS A 153 -8.72 -19.85 -5.33
N ASN A 154 -9.54 -20.10 -6.35
CA ASN A 154 -10.58 -21.13 -6.31
C ASN A 154 -10.04 -22.55 -6.11
N GLU A 155 -8.76 -22.75 -6.45
CA GLU A 155 -8.13 -24.06 -6.34
C GLU A 155 -7.30 -24.27 -5.06
N CYS A 156 -6.51 -23.27 -4.68
CA CYS A 156 -5.61 -23.44 -3.53
C CYS A 156 -5.82 -22.46 -2.37
N GLY A 157 -6.58 -21.39 -2.60
CA GLY A 157 -6.87 -20.42 -1.55
C GLY A 157 -5.82 -19.34 -1.32
N ALA A 158 -4.74 -19.37 -2.10
CA ALA A 158 -3.74 -18.30 -2.08
C ALA A 158 -4.30 -17.03 -2.71
N GLU A 159 -3.59 -15.91 -2.56
CA GLU A 159 -3.99 -14.66 -3.24
C GLU A 159 -4.12 -14.94 -4.74
N ALA A 160 -5.27 -14.56 -5.29
CA ALA A 160 -5.52 -14.77 -6.71
C ALA A 160 -5.30 -13.45 -7.45
N THR A 161 -4.57 -13.54 -8.56
CA THR A 161 -4.12 -12.39 -9.33
C THR A 161 -4.68 -12.45 -10.76
N HIS A 162 -5.27 -13.58 -11.10
CA HIS A 162 -5.72 -13.87 -12.47
C HIS A 162 -7.18 -14.26 -12.53
N SER A 163 -7.78 -14.03 -13.69
CA SER A 163 -9.11 -14.52 -14.01
C SER A 163 -8.96 -15.67 -14.99
N LEU A 164 -9.56 -16.81 -14.67
CA LEU A 164 -9.51 -18.00 -15.51
C LEU A 164 -10.88 -18.29 -16.11
N ARG A 165 -10.94 -18.38 -17.43
CA ARG A 165 -12.16 -18.75 -18.12
C ARG A 165 -12.16 -20.24 -18.41
N LYS A 166 -13.27 -20.90 -18.05
CA LYS A 166 -13.47 -22.29 -18.36
C LYS A 166 -14.81 -22.47 -19.06
N ILE A 167 -14.79 -23.18 -20.18
CA ILE A 167 -16.00 -23.50 -20.93
C ILE A 167 -16.21 -25.00 -20.87
N ASP A 168 -17.28 -25.42 -20.19
CA ASP A 168 -17.60 -26.83 -19.97
C ASP A 168 -16.48 -27.55 -19.20
N GLY A 169 -15.85 -26.83 -18.26
CA GLY A 169 -14.75 -27.36 -17.46
C GLY A 169 -13.38 -27.22 -18.09
N LYS A 170 -13.36 -27.02 -19.41
CA LYS A 170 -12.13 -26.91 -20.20
C LYS A 170 -11.60 -25.47 -20.18
N HIS A 171 -10.29 -25.34 -19.96
CA HIS A 171 -9.65 -24.03 -20.01
C HIS A 171 -9.81 -23.42 -21.40
N ALA A 172 -10.07 -22.11 -21.44
CA ALA A 172 -10.22 -21.39 -22.70
C ALA A 172 -8.89 -21.34 -23.45
N ASP A 173 -8.97 -21.46 -24.77
CA ASP A 173 -7.79 -21.45 -25.63
C ASP A 173 -7.29 -20.03 -25.78
N TYR A 174 -5.98 -19.88 -26.03
CA TYR A 174 -5.35 -18.57 -26.21
C TYR A 174 -6.05 -17.66 -27.22
N ASN A 175 -6.48 -18.22 -28.34
CA ASN A 175 -7.08 -17.42 -29.43
C ASN A 175 -8.59 -17.15 -29.29
N ASP A 176 -9.17 -17.51 -28.14
CA ASP A 176 -10.60 -17.23 -27.87
C ASP A 176 -10.90 -15.74 -27.72
N ASP A 177 -12.19 -15.40 -27.83
CA ASP A 177 -12.68 -14.02 -27.72
C ASP A 177 -12.28 -13.34 -26.41
N ILE A 178 -11.82 -12.10 -26.50
CA ILE A 178 -11.47 -11.30 -25.33
C ILE A 178 -12.72 -11.00 -24.48
N VAL A 179 -13.75 -10.45 -25.11
CA VAL A 179 -14.99 -10.11 -24.39
C VAL A 179 -15.90 -11.33 -24.33
N LYS A 180 -16.19 -11.77 -23.10
CA LYS A 180 -17.23 -12.74 -22.84
C LYS A 180 -17.83 -12.38 -21.48
N ILE A 181 -19.02 -11.79 -21.52
CA ILE A 181 -19.69 -11.31 -20.32
C ILE A 181 -20.25 -12.48 -19.53
N GLY A 182 -20.06 -12.42 -18.21
CA GLY A 182 -20.55 -13.48 -17.35
C GLY A 182 -19.86 -13.50 -16.01
N CYS A 183 -20.34 -14.38 -15.14
CA CYS A 183 -19.81 -14.45 -13.79
C CYS A 183 -19.20 -15.82 -13.54
N GLN A 184 -19.61 -16.46 -12.44
CA GLN A 184 -19.06 -17.75 -12.00
C GLN A 184 -19.28 -18.89 -12.98
N GLU A 185 -20.30 -18.78 -13.82
CA GLU A 185 -20.60 -19.80 -14.83
C GLU A 185 -19.48 -19.93 -15.88
N PHE A 186 -18.67 -18.88 -16.02
CA PHE A 186 -17.56 -18.89 -16.97
C PHE A 186 -16.21 -18.62 -16.30
N TYR A 187 -16.22 -17.97 -15.14
CA TYR A 187 -14.97 -17.45 -14.58
C TYR A 187 -14.70 -17.87 -13.14
N SER A 188 -13.41 -18.03 -12.85
CA SER A 188 -12.92 -18.16 -11.49
C SER A 188 -11.67 -17.29 -11.29
N ALA A 189 -11.37 -16.99 -10.04
CA ALA A 189 -10.15 -16.26 -9.69
C ALA A 189 -9.10 -17.28 -9.30
N VAL A 190 -7.88 -17.11 -9.81
CA VAL A 190 -6.78 -18.04 -9.54
C VAL A 190 -5.46 -17.30 -9.33
N CYS A 191 -4.53 -17.97 -8.63
CA CYS A 191 -3.16 -17.51 -8.52
C CYS A 191 -2.46 -17.77 -9.86
N ARG A 192 -1.24 -17.23 -10.02
CA ARG A 192 -0.43 -17.46 -11.22
C ARG A 192 -0.28 -18.95 -11.55
N HIS A 193 0.06 -19.74 -10.53
CA HIS A 193 0.30 -21.16 -10.68
C HIS A 193 -0.90 -21.91 -11.27
N HIS A 194 -2.11 -21.49 -10.93
CA HIS A 194 -3.32 -22.16 -11.38
C HIS A 194 -4.02 -21.47 -12.55
N HIS A 195 -3.29 -20.56 -13.20
CA HIS A 195 -3.72 -19.96 -14.45
C HIS A 195 -2.99 -20.61 -15.63
N LYS A 196 -3.69 -21.45 -16.37
CA LYS A 196 -3.14 -22.09 -17.58
C LYS A 196 -3.94 -21.72 -18.81
N VAL A 197 -3.23 -21.36 -19.88
CA VAL A 197 -3.84 -21.01 -21.15
C VAL A 197 -3.28 -21.91 -22.26
N PRO A 198 -4.07 -22.91 -22.71
CA PRO A 198 -3.62 -23.76 -23.82
C PRO A 198 -3.18 -22.93 -25.03
N ASN A 199 -2.08 -23.35 -25.65
CA ASN A 199 -1.55 -22.72 -26.88
C ASN A 199 -1.03 -21.29 -26.71
N ARG A 200 -0.62 -20.93 -25.49
CA ARG A 200 0.08 -19.67 -25.26
C ARG A 200 1.42 -19.74 -26.00
N PRO A 201 1.66 -18.77 -26.91
CA PRO A 201 2.92 -18.79 -27.65
C PRO A 201 4.05 -18.11 -26.88
N TYR A 202 5.28 -18.45 -27.25
CA TYR A 202 6.47 -17.79 -26.74
C TYR A 202 7.10 -16.98 -27.85
N LEU A 203 7.36 -15.70 -27.56
CA LEU A 203 7.90 -14.78 -28.56
C LEU A 203 9.43 -14.69 -28.52
N ASN A 204 10.03 -14.96 -27.37
CA ASN A 204 11.49 -14.99 -27.25
C ASN A 204 12.05 -16.32 -27.73
N SER A 205 13.24 -16.29 -28.31
CA SER A 205 13.80 -17.48 -28.95
C SER A 205 14.31 -18.54 -27.98
N ASN A 206 14.60 -18.12 -26.74
CA ASN A 206 15.21 -19.01 -25.75
C ASN A 206 14.29 -19.41 -24.59
N SER A 207 13.00 -19.10 -24.72
CA SER A 207 12.05 -19.28 -23.63
C SER A 207 11.73 -20.76 -23.38
N GLU A 208 11.45 -21.50 -24.44
CA GLU A 208 11.13 -22.92 -24.33
C GLU A 208 12.35 -23.74 -23.93
N GLU A 209 13.53 -23.30 -24.37
CA GLU A 209 14.80 -23.88 -23.95
C GLU A 209 14.99 -23.76 -22.44
N PHE A 210 14.69 -22.58 -21.89
CA PHE A 210 14.81 -22.32 -20.46
C PHE A 210 13.85 -23.17 -19.65
N ILE A 211 12.60 -23.27 -20.12
CA ILE A 211 11.58 -24.08 -19.46
C ILE A 211 11.97 -25.56 -19.43
N LYS A 212 12.50 -26.05 -20.56
CA LYS A 212 13.02 -27.42 -20.66
C LYS A 212 14.20 -27.63 -19.72
N PHE A 213 15.08 -26.62 -19.65
CA PHE A 213 16.27 -26.65 -18.80
C PHE A 213 15.92 -26.79 -17.32
N PHE A 214 14.94 -26.03 -16.86
CA PHE A 214 14.57 -26.03 -15.44
C PHE A 214 13.71 -27.21 -14.99
N LYS A 215 13.07 -27.88 -15.96
CA LYS A 215 12.38 -29.14 -15.68
C LYS A 215 13.36 -30.31 -15.82
N ASN A 216 14.54 -30.01 -16.38
CA ASN A 216 15.63 -30.97 -16.63
C ASN A 216 15.33 -31.94 -17.80
N ILE B 11 -0.32 -21.29 7.70
CA ILE B 11 -0.02 -20.20 8.68
C ILE B 11 -1.22 -19.28 8.89
N GLY B 12 -1.34 -18.72 10.10
CA GLY B 12 -2.38 -17.73 10.39
C GLY B 12 -1.83 -16.32 10.53
N TRP B 13 -2.71 -15.32 10.46
CA TRP B 13 -2.30 -13.92 10.61
C TRP B 13 -3.45 -13.00 11.05
N ILE B 14 -3.11 -11.74 11.34
CA ILE B 14 -4.11 -10.73 11.68
C ILE B 14 -4.08 -9.57 10.69
N GLU B 15 -5.24 -9.24 10.14
CA GLU B 15 -5.46 -8.04 9.34
C GLU B 15 -6.30 -7.05 10.12
N PHE B 16 -5.91 -5.78 10.09
CA PHE B 16 -6.63 -4.74 10.82
C PHE B 16 -7.06 -3.59 9.91
N ILE B 17 -8.36 -3.32 9.89
CA ILE B 17 -8.94 -2.23 9.09
C ILE B 17 -9.32 -1.11 10.06
N THR B 18 -8.81 0.09 9.82
CA THR B 18 -9.06 1.18 10.75
C THR B 18 -9.18 2.55 10.07
N GLY B 19 -9.34 3.59 10.89
CA GLY B 19 -9.61 4.93 10.40
C GLY B 19 -10.76 5.51 11.18
N PRO B 20 -11.19 6.75 10.81
CA PRO B 20 -12.25 7.43 11.55
C PRO B 20 -13.66 6.97 11.12
N MET B 21 -14.68 7.58 11.69
CA MET B 21 -16.03 7.33 11.22
C MET B 21 -16.19 7.81 9.77
N PHE B 22 -17.11 7.20 9.03
CA PHE B 22 -17.43 7.59 7.65
C PHE B 22 -16.30 7.28 6.66
N ALA B 23 -15.40 6.38 7.04
CA ALA B 23 -14.27 5.96 6.19
C ALA B 23 -14.61 4.72 5.40
N GLY B 24 -15.68 4.05 5.79
CA GLY B 24 -16.15 2.84 5.11
C GLY B 24 -15.46 1.57 5.59
N LYS B 25 -15.12 1.54 6.87
CA LYS B 25 -14.45 0.38 7.50
C LYS B 25 -15.25 -0.92 7.38
N THR B 26 -16.54 -0.85 7.70
CA THR B 26 -17.43 -2.02 7.66
C THR B 26 -17.56 -2.54 6.22
N ALA B 27 -17.73 -1.62 5.27
CA ALA B 27 -17.77 -1.96 3.84
C ALA B 27 -16.52 -2.72 3.40
N GLU B 28 -15.35 -2.28 3.87
CA GLU B 28 -14.09 -2.95 3.58
C GLU B 28 -13.99 -4.34 4.22
N LEU B 29 -14.41 -4.47 5.47
CA LEU B 29 -14.53 -5.78 6.13
C LEU B 29 -15.44 -6.73 5.33
N ILE B 30 -16.60 -6.22 4.92
CA ILE B 30 -17.54 -6.99 4.10
C ILE B 30 -16.88 -7.43 2.79
N ARG B 31 -16.19 -6.49 2.13
CA ARG B 31 -15.48 -6.82 0.90
C ARG B 31 -14.55 -8.02 1.07
N ARG B 32 -13.77 -8.02 2.13
CA ARG B 32 -12.76 -9.06 2.35
C ARG B 32 -13.40 -10.43 2.60
N LEU B 33 -14.53 -10.44 3.31
CA LEU B 33 -15.22 -11.69 3.62
C LEU B 33 -15.97 -12.21 2.41
N HIS B 34 -16.55 -11.31 1.62
CA HIS B 34 -17.21 -11.69 0.37
C HIS B 34 -16.24 -12.39 -0.60
N ARG B 35 -14.98 -11.97 -0.62
CA ARG B 35 -13.92 -12.63 -1.40
C ARG B 35 -13.88 -14.14 -1.13
N LEU B 36 -14.01 -14.49 0.14
CA LEU B 36 -13.94 -15.88 0.61
C LEU B 36 -15.05 -16.77 0.08
N GLU B 37 -16.26 -16.22 -0.01
CA GLU B 37 -17.45 -16.96 -0.45
C GLU B 37 -17.30 -17.53 -1.86
N TYR B 38 -16.68 -16.77 -2.76
CA TYR B 38 -16.46 -17.21 -4.13
C TYR B 38 -15.50 -18.39 -4.22
N ALA B 39 -14.64 -18.52 -3.22
CA ALA B 39 -13.65 -19.61 -3.17
C ALA B 39 -14.08 -20.76 -2.26
N ASP B 40 -15.31 -20.67 -1.73
CA ASP B 40 -15.89 -21.69 -0.86
C ASP B 40 -15.23 -21.74 0.53
N VAL B 41 -14.68 -20.60 0.95
CA VAL B 41 -13.99 -20.49 2.24
C VAL B 41 -14.92 -19.91 3.31
N LYS B 42 -15.26 -20.73 4.30
CA LYS B 42 -16.17 -20.34 5.38
C LYS B 42 -15.53 -19.39 6.39
N TYR B 43 -16.34 -18.49 6.95
CA TYR B 43 -15.87 -17.52 7.94
C TYR B 43 -16.93 -17.29 9.02
N LEU B 44 -16.52 -16.64 10.11
CA LEU B 44 -17.42 -16.31 11.20
C LEU B 44 -17.09 -14.95 11.77
N VAL B 45 -18.10 -14.11 11.94
CA VAL B 45 -17.90 -12.74 12.41
C VAL B 45 -18.46 -12.56 13.82
N PHE B 46 -17.69 -11.86 14.66
CA PHE B 46 -18.09 -11.52 16.02
C PHE B 46 -18.18 -10.02 16.22
N LYS B 47 -19.04 -9.59 17.14
CA LYS B 47 -19.19 -8.19 17.50
C LYS B 47 -19.34 -8.07 19.02
N PRO B 48 -18.82 -6.98 19.62
CA PRO B 48 -19.12 -6.73 21.03
C PRO B 48 -20.57 -6.29 21.22
N LYS B 49 -21.07 -6.40 22.46
CA LYS B 49 -22.45 -6.02 22.81
C LYS B 49 -22.66 -4.51 22.69
N ILE B 50 -23.55 -4.12 21.77
CA ILE B 50 -23.79 -2.72 21.36
C ILE B 50 -22.51 -1.93 21.05
N LEU B 66 -22.92 -7.43 7.56
CA LEU B 66 -23.22 -6.99 8.91
C LEU B 66 -23.72 -8.09 9.89
N PRO B 67 -23.94 -9.34 9.41
CA PRO B 67 -24.36 -10.38 10.35
C PRO B 67 -23.21 -10.84 11.26
N SER B 68 -23.48 -10.93 12.56
CA SER B 68 -22.43 -11.28 13.52
C SER B 68 -22.97 -11.98 14.76
N VAL B 69 -22.06 -12.62 15.50
CA VAL B 69 -22.35 -13.18 16.82
C VAL B 69 -21.96 -12.16 17.88
N GLU B 70 -22.92 -11.76 18.70
CA GLU B 70 -22.67 -10.82 19.81
C GLU B 70 -22.07 -11.52 21.02
N VAL B 71 -20.96 -10.97 21.50
CA VAL B 71 -20.29 -11.48 22.70
C VAL B 71 -20.10 -10.37 23.73
N GLU B 72 -20.15 -10.73 24.99
CA GLU B 72 -20.09 -9.76 26.08
C GLU B 72 -18.65 -9.46 26.49
N SER B 73 -17.71 -10.25 25.97
CA SER B 73 -16.28 -10.06 26.23
C SER B 73 -15.44 -10.84 25.21
N ALA B 74 -14.17 -10.48 25.10
CA ALA B 74 -13.26 -11.06 24.10
C ALA B 74 -12.99 -12.57 24.25
N PRO B 75 -12.75 -13.07 25.49
CA PRO B 75 -12.57 -14.51 25.66
C PRO B 75 -13.77 -15.38 25.22
N GLU B 76 -14.97 -14.81 25.22
CA GLU B 76 -16.18 -15.53 24.81
C GLU B 76 -16.12 -15.97 23.34
N ILE B 77 -15.26 -15.31 22.56
CA ILE B 77 -15.00 -15.70 21.18
C ILE B 77 -14.37 -17.09 21.13
N LEU B 78 -13.38 -17.32 22.00
CA LEU B 78 -12.72 -18.63 22.11
C LEU B 78 -13.65 -19.71 22.64
N ASN B 79 -14.59 -19.31 23.50
CA ASN B 79 -15.59 -20.23 24.04
C ASN B 79 -16.60 -20.69 22.99
N TYR B 80 -17.07 -19.76 22.17
CA TYR B 80 -18.01 -20.05 21.09
C TYR B 80 -17.38 -21.01 20.06
N ILE B 81 -16.12 -20.75 19.71
CA ILE B 81 -15.35 -21.59 18.79
C ILE B 81 -15.19 -23.01 19.35
N MET B 82 -14.97 -23.11 20.65
CA MET B 82 -14.87 -24.41 21.33
C MET B 82 -16.22 -25.13 21.41
N SER B 83 -17.31 -24.36 21.41
CA SER B 83 -18.66 -24.91 21.49
C SER B 83 -19.04 -25.61 20.17
N ASN B 84 -20.09 -26.43 20.23
CA ASN B 84 -20.51 -27.20 19.07
C ASN B 84 -21.49 -26.48 18.15
N SER B 85 -21.67 -25.18 18.40
CA SER B 85 -22.43 -24.30 17.51
C SER B 85 -21.49 -23.72 16.46
N PHE B 86 -20.21 -24.08 16.55
CA PHE B 86 -19.16 -23.60 15.67
C PHE B 86 -18.93 -24.59 14.53
N ASN B 87 -18.90 -24.07 13.30
CA ASN B 87 -18.57 -24.86 12.12
C ASN B 87 -17.06 -25.15 12.09
N ASP B 88 -16.71 -26.42 12.13
CA ASP B 88 -15.31 -26.87 12.13
C ASP B 88 -14.53 -26.44 10.88
N GLU B 89 -15.25 -26.19 9.79
CA GLU B 89 -14.65 -25.77 8.52
C GLU B 89 -14.11 -24.33 8.57
N THR B 90 -14.71 -23.51 9.43
CA THR B 90 -14.37 -22.08 9.55
C THR B 90 -12.88 -21.84 9.82
N LYS B 91 -12.24 -21.14 8.90
CA LYS B 91 -10.82 -20.80 9.03
C LYS B 91 -10.56 -19.29 9.13
N VAL B 92 -11.60 -18.49 8.92
CA VAL B 92 -11.48 -17.03 8.99
C VAL B 92 -12.42 -16.47 10.06
N ILE B 93 -11.87 -15.66 10.97
CA ILE B 93 -12.66 -14.98 11.99
C ILE B 93 -12.67 -13.47 11.75
N GLY B 94 -13.87 -12.90 11.59
CA GLY B 94 -14.05 -11.46 11.50
C GLY B 94 -14.43 -10.88 12.85
N ILE B 95 -13.94 -9.68 13.14
CA ILE B 95 -14.31 -8.95 14.35
C ILE B 95 -14.60 -7.48 13.99
N ASP B 96 -15.84 -7.05 14.19
CA ASP B 96 -16.26 -5.68 13.88
C ASP B 96 -16.33 -4.86 15.17
N GLU B 97 -16.24 -3.54 15.02
CA GLU B 97 -16.33 -2.58 16.14
C GLU B 97 -15.44 -2.93 17.35
N VAL B 98 -14.21 -3.35 17.05
CA VAL B 98 -13.30 -3.93 18.05
C VAL B 98 -12.91 -2.98 19.20
N GLN B 99 -13.03 -1.68 18.97
CA GLN B 99 -12.68 -0.67 19.99
C GLN B 99 -13.52 -0.76 21.27
N PHE B 100 -14.63 -1.49 21.21
CA PHE B 100 -15.52 -1.66 22.36
C PHE B 100 -15.13 -2.82 23.30
N PHE B 101 -14.28 -3.72 22.82
CA PHE B 101 -13.69 -4.76 23.67
C PHE B 101 -12.68 -4.16 24.63
N ASP B 102 -12.28 -4.92 25.65
CA ASP B 102 -11.13 -4.52 26.48
C ASP B 102 -9.84 -5.16 25.95
N ASP B 103 -8.73 -4.95 26.66
CA ASP B 103 -7.41 -5.43 26.25
C ASP B 103 -7.28 -6.95 26.07
N ARG B 104 -8.29 -7.69 26.50
CA ARG B 104 -8.29 -9.16 26.40
C ARG B 104 -8.41 -9.66 24.96
N ILE B 105 -8.86 -8.78 24.06
CA ILE B 105 -8.98 -9.11 22.63
C ILE B 105 -7.64 -9.39 21.96
N CYS B 106 -6.57 -8.77 22.48
CA CYS B 106 -5.23 -8.93 21.91
C CYS B 106 -4.74 -10.37 22.02
N GLU B 107 -4.84 -10.95 23.21
CA GLU B 107 -4.47 -12.34 23.42
C GLU B 107 -5.31 -13.29 22.57
N VAL B 108 -6.63 -13.07 22.57
CA VAL B 108 -7.56 -13.87 21.76
C VAL B 108 -7.19 -13.85 20.28
N ALA B 109 -6.92 -12.66 19.75
CA ALA B 109 -6.55 -12.50 18.33
C ALA B 109 -5.21 -13.19 18.02
N ASN B 110 -4.21 -12.97 18.87
CA ASN B 110 -2.91 -13.64 18.71
C ASN B 110 -2.99 -15.16 18.79
N ILE B 111 -3.85 -15.66 19.67
CA ILE B 111 -4.04 -17.11 19.84
C ILE B 111 -4.62 -17.73 18.56
N LEU B 112 -5.62 -17.08 17.99
CA LEU B 112 -6.24 -17.55 16.75
C LEU B 112 -5.23 -17.59 15.60
N ALA B 113 -4.53 -16.49 15.39
CA ALA B 113 -3.44 -16.42 14.38
C ALA B 113 -2.40 -17.52 14.57
N GLU B 114 -1.97 -17.74 15.81
CA GLU B 114 -0.97 -18.79 16.12
C GLU B 114 -1.51 -20.18 15.85
N ASN B 115 -2.83 -20.35 15.96
CA ASN B 115 -3.47 -21.65 15.76
C ASN B 115 -4.13 -21.84 14.40
N GLY B 116 -3.70 -21.06 13.42
CA GLY B 116 -4.05 -21.31 12.02
C GLY B 116 -5.17 -20.48 11.42
N PHE B 117 -5.80 -19.62 12.23
CA PHE B 117 -6.89 -18.78 11.74
C PHE B 117 -6.37 -17.51 11.09
N VAL B 118 -7.13 -16.99 10.13
CA VAL B 118 -6.95 -15.62 9.65
C VAL B 118 -7.97 -14.77 10.41
N VAL B 119 -7.49 -13.73 11.08
CA VAL B 119 -8.36 -12.85 11.87
C VAL B 119 -8.41 -11.47 11.20
N ILE B 120 -9.60 -11.08 10.78
CA ILE B 120 -9.79 -9.80 10.08
C ILE B 120 -10.58 -8.87 10.98
N ILE B 121 -9.91 -7.81 11.43
CA ILE B 121 -10.45 -6.94 12.46
C ILE B 121 -10.72 -5.54 11.93
N SER B 122 -11.84 -4.97 12.38
CA SER B 122 -12.22 -3.61 12.02
C SER B 122 -12.56 -2.82 13.29
N GLY B 123 -12.05 -1.59 13.36
CA GLY B 123 -12.36 -0.69 14.48
C GLY B 123 -11.82 0.72 14.32
N LEU B 124 -12.38 1.63 15.11
CA LEU B 124 -11.93 3.03 15.16
C LEU B 124 -10.57 3.12 15.83
N ASP B 125 -9.65 3.86 15.21
CA ASP B 125 -8.34 4.07 15.81
C ASP B 125 -8.35 5.15 16.90
N LYS B 126 -9.23 6.13 16.78
CA LYS B 126 -9.32 7.22 17.75
C LYS B 126 -10.73 7.40 18.26
N ASN B 127 -10.86 7.77 19.54
CA ASN B 127 -12.14 8.26 20.05
C ASN B 127 -12.31 9.74 19.68
N PHE B 128 -13.39 10.36 20.15
CA PHE B 128 -13.70 11.75 19.83
C PHE B 128 -12.61 12.74 20.27
N LYS B 129 -11.76 12.33 21.21
CA LYS B 129 -10.69 13.17 21.72
C LYS B 129 -9.46 13.14 20.82
N GLY B 130 -9.46 12.21 19.87
CA GLY B 130 -8.32 12.00 19.00
C GLY B 130 -7.31 11.05 19.59
N GLU B 131 -7.64 10.47 20.75
CA GLU B 131 -6.75 9.56 21.47
C GLU B 131 -7.10 8.11 21.10
N PRO B 132 -6.16 7.15 21.32
CA PRO B 132 -6.43 5.75 20.97
C PRO B 132 -7.71 5.23 21.61
N PHE B 133 -8.56 4.60 20.80
CA PHE B 133 -9.86 4.09 21.26
C PHE B 133 -9.70 2.71 21.90
N GLY B 134 -9.75 2.67 23.23
CA GLY B 134 -9.68 1.42 23.97
C GLY B 134 -8.42 0.61 23.70
N PRO B 135 -8.60 -0.67 23.29
CA PRO B 135 -7.48 -1.60 23.14
C PRO B 135 -6.73 -1.53 21.80
N ILE B 136 -7.21 -0.71 20.86
CA ILE B 136 -6.71 -0.74 19.46
C ILE B 136 -5.23 -0.42 19.28
N ALA B 137 -4.66 0.38 20.19
CA ALA B 137 -3.23 0.73 20.12
C ALA B 137 -2.36 -0.53 20.08
N LYS B 138 -2.58 -1.43 21.04
CA LYS B 138 -1.88 -2.72 21.07
C LYS B 138 -2.15 -3.57 19.83
N LEU B 139 -3.42 -3.62 19.41
CA LEU B 139 -3.83 -4.39 18.23
C LEU B 139 -3.03 -4.03 16.99
N PHE B 140 -2.79 -2.73 16.80
CA PHE B 140 -1.94 -2.24 15.73
C PHE B 140 -0.61 -2.99 15.66
N THR B 141 0.00 -3.18 16.84
CA THR B 141 1.31 -3.80 16.93
C THR B 141 1.24 -5.28 16.53
N TYR B 142 0.22 -5.97 17.02
CA TYR B 142 0.04 -7.40 16.77
C TYR B 142 -0.43 -7.76 15.36
N ALA B 143 -0.99 -6.78 14.64
CA ALA B 143 -1.53 -6.99 13.30
C ALA B 143 -0.42 -7.17 12.25
N ASP B 144 -0.56 -8.19 11.41
CA ASP B 144 0.39 -8.43 10.33
C ASP B 144 0.24 -7.36 9.26
N LYS B 145 -1.01 -7.07 8.94
CA LYS B 145 -1.36 -6.16 7.86
C LYS B 145 -2.28 -5.09 8.44
N ILE B 146 -1.93 -3.82 8.19
CA ILE B 146 -2.72 -2.69 8.66
C ILE B 146 -3.20 -1.88 7.47
N THR B 147 -4.50 -1.58 7.45
CA THR B 147 -5.06 -0.68 6.45
C THR B 147 -5.73 0.47 7.19
N LYS B 148 -5.10 1.64 7.15
CA LYS B 148 -5.71 2.83 7.72
C LYS B 148 -6.47 3.57 6.61
N LEU B 149 -7.79 3.57 6.72
CA LEU B 149 -8.65 4.21 5.74
C LEU B 149 -8.89 5.66 6.11
N THR B 150 -9.13 6.50 5.11
CA THR B 150 -9.47 7.90 5.33
C THR B 150 -10.93 8.16 4.96
N ALA B 151 -11.55 9.11 5.64
CA ALA B 151 -12.83 9.66 5.25
C ALA B 151 -12.60 10.99 4.53
N ILE B 152 -13.66 11.74 4.26
CA ILE B 152 -13.53 13.08 3.68
C ILE B 152 -13.91 14.12 4.72
N CYS B 153 -13.03 15.10 4.93
CA CYS B 153 -13.28 16.15 5.92
C CYS B 153 -14.57 16.90 5.62
N ASN B 154 -15.43 16.98 6.64
CA ASN B 154 -16.72 17.64 6.54
C ASN B 154 -16.59 19.15 6.32
N GLU B 155 -15.42 19.69 6.67
CA GLU B 155 -15.19 21.12 6.61
C GLU B 155 -14.42 21.60 5.39
N CYS B 156 -13.44 20.82 4.93
CA CYS B 156 -12.58 21.25 3.81
C CYS B 156 -12.42 20.26 2.66
N GLY B 157 -12.90 19.04 2.84
CA GLY B 157 -12.80 18.01 1.79
C GLY B 157 -11.47 17.27 1.68
N ALA B 158 -10.49 17.64 2.51
CA ALA B 158 -9.22 16.90 2.57
C ALA B 158 -9.43 15.51 3.16
N GLU B 159 -8.40 14.68 3.12
CA GLU B 159 -8.45 13.37 3.77
C GLU B 159 -8.73 13.56 5.26
N ALA B 160 -9.74 12.86 5.75
CA ALA B 160 -10.12 12.94 7.15
C ALA B 160 -9.55 11.76 7.91
N THR B 161 -8.95 12.07 9.06
CA THR B 161 -8.24 11.11 9.88
C THR B 161 -8.85 11.01 11.28
N HIS B 162 -9.73 11.96 11.60
CA HIS B 162 -10.29 12.08 12.94
C HIS B 162 -11.82 12.05 12.94
N SER B 163 -12.40 11.61 14.04
CA SER B 163 -13.83 11.74 14.29
C SER B 163 -14.06 12.88 15.29
N LEU B 164 -14.98 13.78 14.94
CA LEU B 164 -15.35 14.92 15.77
C LEU B 164 -16.79 14.81 16.29
N ARG B 165 -16.96 14.96 17.60
CA ARG B 165 -18.30 14.97 18.21
C ARG B 165 -18.76 16.40 18.50
N LYS B 166 -20.03 16.65 18.18
CA LYS B 166 -20.68 17.90 18.50
C LYS B 166 -22.08 17.59 19.03
N ILE B 167 -22.49 18.30 20.08
CA ILE B 167 -23.77 18.01 20.76
C ILE B 167 -24.90 18.96 20.39
N ASP B 168 -24.60 20.25 20.27
CA ASP B 168 -25.62 21.23 19.90
C ASP B 168 -24.97 22.35 19.09
N GLY B 169 -24.18 21.93 18.11
CA GLY B 169 -23.29 22.84 17.39
C GLY B 169 -21.95 22.97 18.10
N LYS B 170 -21.96 22.72 19.40
CA LYS B 170 -20.78 22.80 20.26
C LYS B 170 -19.93 21.54 20.19
N HIS B 171 -18.62 21.73 20.09
CA HIS B 171 -17.66 20.62 20.16
C HIS B 171 -17.72 19.92 21.51
N ALA B 172 -17.43 18.63 21.53
CA ALA B 172 -17.40 17.87 22.78
C ALA B 172 -16.15 18.24 23.56
N ASP B 173 -16.32 18.35 24.88
CA ASP B 173 -15.24 18.67 25.81
C ASP B 173 -14.38 17.44 26.00
N TYR B 174 -13.09 17.67 26.26
CA TYR B 174 -12.13 16.59 26.52
C TYR B 174 -12.62 15.55 27.54
N ASN B 175 -13.28 16.00 28.60
CA ASN B 175 -13.70 15.11 29.69
C ASN B 175 -15.10 14.50 29.55
N ASP B 176 -15.70 14.64 28.38
CA ASP B 176 -16.98 14.00 28.09
C ASP B 176 -16.78 12.48 27.95
N ASP B 177 -17.87 11.73 28.05
CA ASP B 177 -17.83 10.27 28.06
C ASP B 177 -17.35 9.69 26.71
N ILE B 178 -16.58 8.60 26.76
CA ILE B 178 -16.01 8.02 25.55
C ILE B 178 -17.07 7.31 24.69
N VAL B 179 -17.75 6.33 25.28
CA VAL B 179 -18.78 5.60 24.56
C VAL B 179 -20.06 6.44 24.50
N LYS B 180 -20.40 6.83 23.28
CA LYS B 180 -21.68 7.46 22.97
C LYS B 180 -22.07 7.00 21.58
N ILE B 181 -23.00 6.06 21.53
CA ILE B 181 -23.43 5.43 20.28
C ILE B 181 -24.25 6.43 19.46
N GLY B 182 -23.93 6.54 18.17
CA GLY B 182 -24.66 7.44 17.27
C GLY B 182 -23.98 7.68 15.93
N CYS B 183 -24.69 8.37 15.04
CA CYS B 183 -24.18 8.66 13.71
C CYS B 183 -23.96 10.16 13.51
N GLN B 184 -24.44 10.69 12.38
CA GLN B 184 -24.22 12.09 11.99
C GLN B 184 -24.82 13.12 12.94
N GLU B 185 -25.77 12.69 13.76
CA GLU B 185 -26.39 13.57 14.74
C GLU B 185 -25.38 14.05 15.80
N PHE B 186 -24.35 13.25 16.04
CA PHE B 186 -23.28 13.61 16.98
C PHE B 186 -21.91 13.74 16.32
N TYR B 187 -21.68 13.02 15.21
CA TYR B 187 -20.32 12.83 14.69
C TYR B 187 -20.05 13.26 13.25
N SER B 188 -18.82 13.70 13.01
CA SER B 188 -18.35 14.04 11.67
C SER B 188 -16.91 13.55 11.46
N ALA B 189 -16.50 13.45 10.20
CA ALA B 189 -15.09 13.18 9.88
C ALA B 189 -14.38 14.50 9.59
N VAL B 190 -13.18 14.65 10.13
CA VAL B 190 -12.38 15.85 9.90
C VAL B 190 -10.90 15.47 9.73
N CYS B 191 -10.17 16.33 9.02
CA CYS B 191 -8.72 16.28 9.01
C CYS B 191 -8.22 16.78 10.36
N ARG B 192 -6.91 16.65 10.60
CA ARG B 192 -6.30 17.05 11.88
C ARG B 192 -6.54 18.52 12.22
N HIS B 193 -6.45 19.38 11.21
CA HIS B 193 -6.64 20.81 11.38
C HIS B 193 -8.05 21.19 11.85
N HIS B 194 -9.05 20.44 11.39
CA HIS B 194 -10.44 20.72 11.77
C HIS B 194 -10.94 19.91 12.96
N HIS B 195 -10.03 19.18 13.60
CA HIS B 195 -10.33 18.46 14.83
C HIS B 195 -9.93 19.30 16.04
N LYS B 196 -10.93 19.73 16.81
CA LYS B 196 -10.71 20.63 17.93
C LYS B 196 -11.40 20.13 19.20
N VAL B 197 -10.64 20.02 20.28
CA VAL B 197 -11.15 19.49 21.55
C VAL B 197 -10.85 20.47 22.67
N PRO B 198 -11.86 21.26 23.12
CA PRO B 198 -11.65 22.20 24.21
C PRO B 198 -11.10 21.50 25.45
N ASN B 199 -10.21 22.19 26.16
CA ASN B 199 -9.60 21.73 27.40
C ASN B 199 -8.72 20.47 27.30
N ARG B 200 -8.18 20.23 26.10
CA ARG B 200 -7.14 19.23 25.91
C ARG B 200 -5.91 19.57 26.76
N PRO B 201 -5.49 18.65 27.64
CA PRO B 201 -4.34 18.91 28.49
C PRO B 201 -3.02 18.57 27.80
N TYR B 202 -1.95 19.23 28.22
CA TYR B 202 -0.62 18.95 27.73
C TYR B 202 0.21 18.41 28.88
N LEU B 203 0.86 17.27 28.66
CA LEU B 203 1.61 16.60 29.72
C LEU B 203 3.11 16.95 29.69
N ASN B 204 3.61 17.39 28.53
CA ASN B 204 4.99 17.83 28.40
C ASN B 204 5.10 19.30 28.80
N SER B 205 6.15 19.62 29.54
CA SER B 205 6.29 20.94 30.16
C SER B 205 6.48 22.09 29.17
N ASN B 206 7.05 21.78 28.00
CA ASN B 206 7.40 22.82 27.02
C ASN B 206 6.43 22.90 25.83
N SER B 207 5.39 22.09 25.87
CA SER B 207 4.40 22.03 24.79
C SER B 207 3.67 23.35 24.58
N GLU B 208 3.10 23.91 25.64
CA GLU B 208 2.45 25.22 25.56
C GLU B 208 3.45 26.34 25.25
N GLU B 209 4.68 26.19 25.73
CA GLU B 209 5.77 27.13 25.42
C GLU B 209 6.11 27.15 23.93
N PHE B 210 6.09 25.96 23.32
CA PHE B 210 6.38 25.81 21.90
C PHE B 210 5.24 26.32 21.03
N ILE B 211 4.00 26.01 21.45
CA ILE B 211 2.80 26.43 20.72
C ILE B 211 2.66 27.95 20.71
N LYS B 212 3.00 28.58 21.83
CA LYS B 212 3.01 30.04 21.92
C LYS B 212 4.11 30.64 21.03
N PHE B 213 5.29 29.99 21.03
CA PHE B 213 6.39 30.37 20.15
C PHE B 213 5.95 30.40 18.67
N PHE B 214 5.11 29.43 18.29
CA PHE B 214 4.48 29.39 16.98
C PHE B 214 3.07 29.97 17.04
N ILE C 11 4.79 -20.10 -5.03
CA ILE C 11 6.21 -19.65 -5.10
C ILE C 11 6.51 -19.11 -6.50
N GLY C 12 7.21 -17.99 -6.55
CA GLY C 12 7.46 -17.30 -7.81
C GLY C 12 6.47 -16.16 -8.01
N TRP C 13 6.99 -14.95 -8.09
CA TRP C 13 6.13 -13.76 -8.28
C TRP C 13 6.97 -12.56 -8.70
N ILE C 14 6.29 -11.49 -9.10
CA ILE C 14 6.97 -10.27 -9.55
C ILE C 14 6.59 -9.08 -8.67
N GLU C 15 7.60 -8.37 -8.17
CA GLU C 15 7.39 -7.07 -7.53
C GLU C 15 7.95 -5.97 -8.44
N PHE C 16 7.19 -4.89 -8.57
CA PHE C 16 7.57 -3.79 -9.44
C PHE C 16 7.63 -2.49 -8.62
N ILE C 17 8.77 -1.81 -8.74
CA ILE C 17 9.03 -0.55 -8.05
C ILE C 17 9.16 0.53 -9.10
N THR C 18 8.32 1.56 -9.03
CA THR C 18 8.29 2.55 -10.09
C THR C 18 8.07 3.98 -9.60
N GLY C 19 7.97 4.91 -10.54
CA GLY C 19 7.88 6.33 -10.21
C GLY C 19 8.89 7.16 -10.99
N PRO C 20 8.87 8.49 -10.79
CA PRO C 20 9.72 9.39 -11.57
C PRO C 20 11.18 9.33 -11.11
N MET C 21 12.04 10.12 -11.75
CA MET C 21 13.41 10.25 -11.29
C MET C 21 13.38 10.93 -9.93
N PHE C 22 14.42 10.69 -9.13
CA PHE C 22 14.60 11.31 -7.79
C PHE C 22 13.59 10.84 -6.73
N ALA C 23 12.94 9.71 -6.99
CA ALA C 23 11.95 9.11 -6.07
C ALA C 23 12.56 8.04 -5.16
N GLY C 24 13.81 7.65 -5.45
CA GLY C 24 14.53 6.65 -4.66
C GLY C 24 14.24 5.21 -5.03
N LYS C 25 13.92 4.96 -6.29
CA LYS C 25 13.61 3.60 -6.78
C LYS C 25 14.73 2.61 -6.50
N THR C 26 15.94 2.97 -6.91
CA THR C 26 17.12 2.09 -6.75
C THR C 26 17.37 1.82 -5.25
N ALA C 27 17.26 2.86 -4.43
CA ALA C 27 17.33 2.72 -2.97
C ALA C 27 16.32 1.68 -2.43
N GLU C 28 15.10 1.72 -2.95
CA GLU C 28 14.06 0.78 -2.55
C GLU C 28 14.36 -0.65 -3.04
N LEU C 29 14.86 -0.79 -4.26
CA LEU C 29 15.34 -2.09 -4.78
C LEU C 29 16.45 -2.65 -3.89
N ILE C 30 17.46 -1.83 -3.64
CA ILE C 30 18.53 -2.14 -2.69
C ILE C 30 17.97 -2.58 -1.32
N ARG C 31 17.05 -1.80 -0.77
CA ARG C 31 16.46 -2.13 0.52
C ARG C 31 15.78 -3.51 0.49
N ARG C 32 14.97 -3.76 -0.53
CA ARG C 32 14.25 -5.03 -0.62
C ARG C 32 15.17 -6.24 -0.73
N LEU C 33 16.18 -6.13 -1.59
CA LEU C 33 17.15 -7.19 -1.80
C LEU C 33 18.08 -7.39 -0.61
N HIS C 34 18.46 -6.30 0.05
CA HIS C 34 19.40 -6.39 1.17
C HIS C 34 18.88 -7.23 2.35
N ARG C 35 17.57 -7.20 2.60
CA ARG C 35 16.95 -8.00 3.67
C ARG C 35 17.29 -9.48 3.56
N LEU C 36 17.45 -9.97 2.32
CA LEU C 36 17.78 -11.36 2.01
C LEU C 36 19.10 -11.85 2.59
N GLU C 37 20.08 -10.93 2.68
CA GLU C 37 21.44 -11.28 3.09
C GLU C 37 21.48 -11.80 4.54
N TYR C 38 20.51 -11.39 5.35
CA TYR C 38 20.47 -11.80 6.76
C TYR C 38 19.91 -13.20 6.94
N ALA C 39 19.17 -13.66 5.94
CA ALA C 39 18.56 -14.97 5.94
C ALA C 39 19.33 -15.94 5.02
N ASP C 40 20.48 -15.50 4.54
CA ASP C 40 21.35 -16.27 3.63
C ASP C 40 20.65 -16.68 2.34
N VAL C 41 19.82 -15.78 1.82
CA VAL C 41 19.10 -16.03 0.59
C VAL C 41 19.78 -15.25 -0.51
N LYS C 42 20.30 -15.99 -1.49
CA LYS C 42 21.08 -15.40 -2.56
C LYS C 42 20.20 -14.73 -3.59
N TYR C 43 20.67 -13.60 -4.10
CA TYR C 43 19.99 -12.90 -5.19
C TYR C 43 20.99 -12.42 -6.23
N LEU C 44 20.52 -12.21 -7.45
CA LEU C 44 21.36 -11.69 -8.52
C LEU C 44 20.65 -10.59 -9.31
N VAL C 45 21.34 -9.47 -9.49
CA VAL C 45 20.78 -8.32 -10.19
C VAL C 45 21.31 -8.25 -11.62
N PHE C 46 20.40 -7.90 -12.53
CA PHE C 46 20.71 -7.62 -13.93
C PHE C 46 20.35 -6.16 -14.26
N LYS C 47 21.02 -5.59 -15.25
CA LYS C 47 20.71 -4.25 -15.75
C LYS C 47 20.95 -4.20 -17.27
N PRO C 48 20.19 -3.37 -18.00
CA PRO C 48 20.47 -3.20 -19.42
C PRO C 48 21.76 -2.40 -19.63
N LYS C 49 22.34 -2.49 -20.83
CA LYS C 49 23.58 -1.79 -21.14
C LYS C 49 23.32 -0.28 -21.32
N ILE C 50 23.88 0.50 -20.40
CA ILE C 50 23.67 1.95 -20.37
C ILE C 50 25.00 2.70 -20.47
N ASP C 51 25.11 3.59 -21.45
CA ASP C 51 26.25 4.47 -21.60
C ASP C 51 26.36 5.44 -20.42
N SER C 60 27.78 11.15 -5.81
CA SER C 60 26.79 10.37 -5.06
C SER C 60 26.84 10.70 -3.57
N ARG C 61 25.82 10.25 -2.84
CA ARG C 61 25.84 10.26 -1.38
C ARG C 61 26.50 8.96 -0.93
N THR C 62 26.68 8.78 0.38
CA THR C 62 27.23 7.52 0.89
C THR C 62 26.31 6.36 0.53
N GLY C 63 26.89 5.18 0.32
CA GLY C 63 26.10 4.02 -0.05
C GLY C 63 26.82 3.07 -0.99
N THR C 64 26.36 1.82 -1.00
CA THR C 64 26.90 0.77 -1.84
C THR C 64 25.89 0.50 -2.93
N SER C 65 26.33 0.54 -4.19
CA SER C 65 25.44 0.22 -5.30
C SER C 65 25.34 -1.29 -5.49
N LEU C 66 24.30 -1.73 -6.19
CA LEU C 66 24.10 -3.15 -6.48
C LEU C 66 25.06 -3.63 -7.55
N PRO C 67 25.93 -4.60 -7.23
CA PRO C 67 26.72 -5.25 -8.28
C PRO C 67 25.76 -6.01 -9.17
N SER C 68 25.85 -5.80 -10.48
CA SER C 68 24.84 -6.33 -11.41
C SER C 68 25.42 -6.73 -12.75
N VAL C 69 24.85 -7.77 -13.33
CA VAL C 69 25.25 -8.26 -14.65
C VAL C 69 24.63 -7.36 -15.71
N GLU C 70 25.47 -6.85 -16.60
CA GLU C 70 25.02 -6.04 -17.72
C GLU C 70 24.65 -6.96 -18.87
N VAL C 71 23.45 -6.77 -19.42
CA VAL C 71 22.94 -7.59 -20.52
C VAL C 71 22.48 -6.68 -21.66
N GLU C 72 22.64 -7.14 -22.90
CA GLU C 72 22.23 -6.31 -24.02
C GLU C 72 20.75 -6.43 -24.35
N SER C 73 20.16 -7.55 -23.96
CA SER C 73 18.72 -7.78 -24.14
C SER C 73 18.17 -8.64 -23.01
N ALA C 74 16.84 -8.60 -22.86
CA ALA C 74 16.14 -9.34 -21.82
C ALA C 74 16.35 -10.86 -21.86
N PRO C 75 16.23 -11.49 -23.06
CA PRO C 75 16.58 -12.92 -23.20
C PRO C 75 17.97 -13.32 -22.70
N GLU C 76 18.92 -12.38 -22.69
CA GLU C 76 20.28 -12.65 -22.22
C GLU C 76 20.30 -13.00 -20.72
N ILE C 77 19.26 -12.57 -20.02
CA ILE C 77 19.09 -12.89 -18.60
C ILE C 77 18.90 -14.40 -18.42
N LEU C 78 18.00 -14.99 -19.23
CA LEU C 78 17.77 -16.44 -19.18
C LEU C 78 18.99 -17.24 -19.63
N ASN C 79 19.66 -16.79 -20.69
CA ASN C 79 20.92 -17.40 -21.13
C ASN C 79 21.95 -17.46 -20.01
N TYR C 80 22.05 -16.37 -19.24
CA TYR C 80 22.98 -16.29 -18.12
C TYR C 80 22.64 -17.30 -17.02
N ILE C 81 21.34 -17.40 -16.70
CA ILE C 81 20.85 -18.34 -15.70
C ILE C 81 21.12 -19.81 -16.08
N MET C 82 21.07 -20.11 -17.38
CA MET C 82 21.36 -21.46 -17.87
C MET C 82 22.87 -21.75 -17.98
N SER C 83 23.69 -20.71 -17.81
CA SER C 83 25.13 -20.84 -17.97
C SER C 83 25.83 -21.27 -16.68
N ASN C 84 27.06 -21.74 -16.82
CA ASN C 84 27.90 -22.14 -15.67
C ASN C 84 28.23 -21.00 -14.71
N SER C 85 27.98 -19.77 -15.15
CA SER C 85 28.21 -18.57 -14.35
C SER C 85 27.17 -18.38 -13.26
N PHE C 86 25.96 -18.90 -13.49
CA PHE C 86 24.87 -18.72 -12.53
C PHE C 86 24.90 -19.77 -11.43
N ASN C 87 24.86 -19.31 -10.19
CA ASN C 87 24.76 -20.18 -9.03
C ASN C 87 23.31 -20.61 -8.86
N ASP C 88 23.06 -21.90 -9.04
CA ASP C 88 21.69 -22.45 -9.06
C ASP C 88 20.93 -22.36 -7.73
N GLU C 89 21.63 -21.97 -6.66
CA GLU C 89 20.98 -21.70 -5.39
C GLU C 89 20.26 -20.33 -5.40
N THR C 90 20.54 -19.51 -6.42
CA THR C 90 19.93 -18.18 -6.53
C THR C 90 18.48 -18.31 -6.99
N LYS C 91 17.53 -17.90 -6.15
CA LYS C 91 16.12 -17.92 -6.56
C LYS C 91 15.43 -16.54 -6.50
N VAL C 92 16.23 -15.49 -6.30
CA VAL C 92 15.73 -14.11 -6.39
C VAL C 92 16.51 -13.35 -7.47
N ILE C 93 15.78 -12.74 -8.40
CA ILE C 93 16.38 -11.98 -9.50
C ILE C 93 15.99 -10.51 -9.39
N GLY C 94 16.98 -9.62 -9.34
CA GLY C 94 16.73 -8.19 -9.36
C GLY C 94 16.92 -7.66 -10.77
N ILE C 95 16.15 -6.65 -11.14
CA ILE C 95 16.33 -5.98 -12.44
C ILE C 95 16.14 -4.47 -12.25
N ASP C 96 17.15 -3.67 -12.61
CA ASP C 96 17.06 -2.21 -12.48
C ASP C 96 17.02 -1.55 -13.86
N GLU C 97 16.61 -0.28 -13.89
CA GLU C 97 16.49 0.51 -15.12
C GLU C 97 15.75 -0.27 -16.20
N VAL C 98 14.67 -0.95 -15.80
CA VAL C 98 13.99 -1.89 -16.68
C VAL C 98 13.42 -1.24 -17.94
N GLN C 99 13.15 0.07 -17.86
CA GLN C 99 12.58 0.82 -18.98
C GLN C 99 13.46 0.86 -20.22
N PHE C 100 14.75 0.54 -20.05
CA PHE C 100 15.67 0.50 -21.20
C PHE C 100 15.62 -0.81 -21.98
N PHE C 101 14.95 -1.81 -21.42
CA PHE C 101 14.68 -3.06 -22.14
C PHE C 101 13.59 -2.83 -23.19
N ASP C 102 13.41 -3.79 -24.08
CA ASP C 102 12.25 -3.76 -24.98
C ASP C 102 11.17 -4.72 -24.46
N ASP C 103 10.16 -4.98 -25.29
CA ASP C 103 8.97 -5.76 -24.93
C ASP C 103 9.29 -7.15 -24.35
N ARG C 104 10.41 -7.72 -24.77
CA ARG C 104 10.78 -9.09 -24.45
C ARG C 104 11.01 -9.33 -22.95
N ILE C 105 11.16 -8.25 -22.18
CA ILE C 105 11.30 -8.33 -20.72
C ILE C 105 10.10 -8.98 -20.02
N CYS C 106 8.90 -8.76 -20.55
CA CYS C 106 7.68 -9.23 -19.89
C CYS C 106 7.64 -10.77 -19.84
N GLU C 107 7.89 -11.38 -21.00
CA GLU C 107 8.02 -12.83 -21.12
C GLU C 107 9.13 -13.40 -20.21
N VAL C 108 10.27 -12.72 -20.17
CA VAL C 108 11.38 -13.15 -19.31
C VAL C 108 10.96 -13.17 -17.84
N ALA C 109 10.40 -12.06 -17.37
CA ALA C 109 9.92 -11.91 -15.98
C ALA C 109 8.83 -12.93 -15.61
N ASN C 110 7.84 -13.12 -16.50
CA ASN C 110 6.77 -14.07 -16.28
C ASN C 110 7.27 -15.50 -16.16
N ILE C 111 8.18 -15.88 -17.06
CA ILE C 111 8.76 -17.22 -17.09
C ILE C 111 9.57 -17.49 -15.82
N LEU C 112 10.42 -16.54 -15.44
CA LEU C 112 11.12 -16.62 -14.16
C LEU C 112 10.15 -16.83 -12.99
N ALA C 113 9.09 -16.01 -12.91
CA ALA C 113 8.10 -16.13 -11.84
C ALA C 113 7.34 -17.47 -11.85
N GLU C 114 7.03 -17.97 -13.05
CA GLU C 114 6.37 -19.26 -13.21
C GLU C 114 7.26 -20.45 -12.85
N ASN C 115 8.57 -20.21 -12.79
CA ASN C 115 9.54 -21.29 -12.57
C ASN C 115 10.24 -21.19 -11.21
N GLY C 116 9.58 -20.58 -10.24
CA GLY C 116 10.05 -20.56 -8.85
C GLY C 116 10.87 -19.37 -8.40
N PHE C 117 11.09 -18.41 -9.30
CA PHE C 117 11.89 -17.22 -8.97
C PHE C 117 11.04 -16.07 -8.44
N VAL C 118 11.59 -15.35 -7.47
CA VAL C 118 11.07 -14.06 -7.08
C VAL C 118 11.81 -13.01 -7.92
N VAL C 119 11.06 -12.16 -8.60
CA VAL C 119 11.64 -11.15 -9.48
C VAL C 119 11.31 -9.75 -8.97
N ILE C 120 12.32 -8.98 -8.63
CA ILE C 120 12.12 -7.64 -8.11
C ILE C 120 12.69 -6.64 -9.11
N ILE C 121 11.79 -5.83 -9.64
CA ILE C 121 12.08 -4.98 -10.79
C ILE C 121 11.89 -3.51 -10.45
N SER C 122 12.86 -2.69 -10.85
CA SER C 122 12.78 -1.25 -10.73
C SER C 122 12.98 -0.54 -12.07
N GLY C 123 12.19 0.50 -12.31
CA GLY C 123 12.32 1.32 -13.51
C GLY C 123 11.34 2.47 -13.55
N LEU C 124 11.62 3.46 -14.41
CA LEU C 124 10.76 4.64 -14.60
C LEU C 124 9.44 4.25 -15.27
N ASP C 125 8.34 4.80 -14.78
CA ASP C 125 7.04 4.55 -15.43
C ASP C 125 6.81 5.46 -16.64
N LYS C 126 7.39 6.65 -16.61
CA LYS C 126 7.19 7.64 -17.67
C LYS C 126 8.51 8.15 -18.25
N ASN C 127 8.54 8.35 -19.56
CA ASN C 127 9.64 9.10 -20.17
C ASN C 127 9.40 10.60 -19.99
N PHE C 128 10.29 11.43 -20.53
CA PHE C 128 10.17 12.90 -20.38
C PHE C 128 8.87 13.49 -20.94
N LYS C 129 8.24 12.77 -21.88
CA LYS C 129 7.00 13.24 -22.50
C LYS C 129 5.78 13.02 -21.59
N GLY C 130 5.99 12.32 -20.47
CA GLY C 130 4.91 11.92 -19.58
C GLY C 130 4.20 10.68 -20.09
N GLU C 131 4.82 9.96 -21.02
CA GLU C 131 4.22 8.80 -21.64
C GLU C 131 4.91 7.54 -21.12
N PRO C 132 4.28 6.36 -21.27
CA PRO C 132 4.90 5.14 -20.73
C PRO C 132 6.31 4.90 -21.30
N PHE C 133 7.26 4.55 -20.43
CA PHE C 133 8.66 4.41 -20.83
C PHE C 133 8.95 2.98 -21.33
N GLY C 134 9.17 2.84 -22.64
CA GLY C 134 9.51 1.54 -23.22
C GLY C 134 8.41 0.51 -23.02
N PRO C 135 8.75 -0.65 -22.42
CA PRO C 135 7.82 -1.76 -22.20
C PRO C 135 7.13 -1.74 -20.84
N ILE C 136 7.33 -0.67 -20.09
CA ILE C 136 6.90 -0.53 -18.69
C ILE C 136 5.42 -0.79 -18.42
N ALA C 137 4.56 -0.29 -19.31
CA ALA C 137 3.12 -0.36 -19.10
C ALA C 137 2.63 -1.80 -18.84
N LYS C 138 3.15 -2.74 -19.62
CA LYS C 138 2.79 -4.16 -19.49
C LYS C 138 3.23 -4.78 -18.18
N LEU C 139 4.36 -4.32 -17.64
CA LEU C 139 4.92 -4.85 -16.39
C LEU C 139 4.03 -4.61 -15.19
N PHE C 140 3.30 -3.48 -15.21
CA PHE C 140 2.28 -3.19 -14.20
C PHE C 140 1.24 -4.31 -14.13
N THR C 141 0.81 -4.80 -15.29
CA THR C 141 -0.20 -5.83 -15.36
C THR C 141 0.33 -7.18 -14.84
N TYR C 142 1.57 -7.48 -15.20
CA TYR C 142 2.21 -8.76 -14.85
C TYR C 142 2.78 -8.80 -13.43
N ALA C 143 3.00 -7.64 -12.83
CA ALA C 143 3.50 -7.55 -11.45
C ALA C 143 2.44 -7.91 -10.40
N ASP C 144 2.77 -8.87 -9.55
CA ASP C 144 1.94 -9.21 -8.39
C ASP C 144 1.80 -8.03 -7.44
N LYS C 145 2.91 -7.33 -7.22
CA LYS C 145 2.95 -6.22 -6.29
C LYS C 145 3.51 -5.00 -7.01
N ILE C 146 2.84 -3.87 -6.85
CA ILE C 146 3.28 -2.60 -7.45
C ILE C 146 3.49 -1.57 -6.35
N THR C 147 4.63 -0.91 -6.40
CA THR C 147 4.89 0.25 -5.54
C THR C 147 5.24 1.41 -6.46
N LYS C 148 4.32 2.37 -6.54
CA LYS C 148 4.57 3.62 -7.25
C LYS C 148 5.07 4.64 -6.24
N LEU C 149 6.38 4.90 -6.29
CA LEU C 149 7.02 5.87 -5.42
C LEU C 149 6.84 7.28 -5.95
N THR C 150 6.88 8.25 -5.06
CA THR C 150 6.81 9.66 -5.46
C THR C 150 8.11 10.39 -5.15
N ALA C 151 8.47 11.35 -5.99
CA ALA C 151 9.53 12.29 -5.65
C ALA C 151 8.89 13.56 -5.05
N ILE C 152 9.68 14.63 -4.94
CA ILE C 152 9.18 15.91 -4.43
C ILE C 152 9.26 16.90 -5.57
N CYS C 153 8.16 17.60 -5.85
CA CYS C 153 8.11 18.51 -6.99
C CYS C 153 9.09 19.66 -6.80
N ASN C 154 9.98 19.80 -7.77
CA ASN C 154 11.02 20.82 -7.77
C ASN C 154 10.45 22.23 -7.75
N GLU C 155 9.20 22.36 -8.20
CA GLU C 155 8.53 23.66 -8.26
C GLU C 155 7.72 23.99 -7.01
N CYS C 156 6.83 23.07 -6.60
CA CYS C 156 5.88 23.39 -5.51
C CYS C 156 6.01 22.55 -4.23
N GLY C 157 6.76 21.45 -4.29
CA GLY C 157 7.01 20.64 -3.11
C GLY C 157 6.02 19.51 -2.88
N ALA C 158 4.94 19.49 -3.67
CA ALA C 158 3.94 18.42 -3.64
C ALA C 158 4.55 17.09 -4.06
N GLU C 159 3.76 16.00 -3.97
CA GLU C 159 4.20 14.69 -4.48
C GLU C 159 4.48 14.80 -5.98
N ALA C 160 5.68 14.39 -6.38
CA ALA C 160 6.08 14.42 -7.79
C ALA C 160 5.90 13.06 -8.45
N THR C 161 5.30 13.09 -9.63
CA THR C 161 4.87 11.90 -10.35
C THR C 161 5.53 11.79 -11.73
N HIS C 162 6.16 12.88 -12.17
CA HIS C 162 6.67 13.01 -13.54
C HIS C 162 8.14 13.39 -13.53
N SER C 163 8.86 12.98 -14.56
CA SER C 163 10.22 13.46 -14.81
C SER C 163 10.17 14.53 -15.90
N LEU C 164 10.80 15.67 -15.65
CA LEU C 164 10.80 16.79 -16.59
C LEU C 164 12.22 17.00 -17.11
N ARG C 165 12.36 17.12 -18.43
CA ARG C 165 13.65 17.40 -19.04
C ARG C 165 13.71 18.85 -19.52
N LYS C 166 14.79 19.53 -19.15
CA LYS C 166 15.09 20.88 -19.67
C LYS C 166 16.50 20.90 -20.28
N ILE C 167 16.64 21.58 -21.40
CA ILE C 167 17.95 21.84 -21.99
C ILE C 167 18.11 23.36 -22.14
N ASP C 168 19.17 23.89 -21.53
CA ASP C 168 19.44 25.34 -21.48
C ASP C 168 18.23 26.13 -20.93
N GLY C 169 17.56 25.58 -19.93
CA GLY C 169 16.42 26.24 -19.30
C GLY C 169 15.07 25.95 -19.94
N LYS C 170 15.08 25.60 -21.22
CA LYS C 170 13.85 25.31 -21.95
C LYS C 170 13.40 23.87 -21.75
N HIS C 171 12.10 23.70 -21.51
CA HIS C 171 11.48 22.39 -21.49
C HIS C 171 11.75 21.67 -22.80
N ALA C 172 12.11 20.39 -22.70
CA ALA C 172 12.34 19.58 -23.88
C ALA C 172 11.07 19.48 -24.72
N ASP C 173 11.22 19.64 -26.02
CA ASP C 173 10.12 19.52 -26.97
C ASP C 173 9.63 18.07 -27.04
N TYR C 174 8.34 17.90 -27.30
CA TYR C 174 7.73 16.57 -27.42
C TYR C 174 8.51 15.63 -28.35
N ASN C 175 9.03 16.16 -29.45
CA ASN C 175 9.67 15.33 -30.48
C ASN C 175 11.16 15.09 -30.31
N ASP C 176 11.70 15.47 -29.16
CA ASP C 176 13.10 15.18 -28.84
C ASP C 176 13.28 13.70 -28.57
N ASP C 177 14.53 13.23 -28.62
CA ASP C 177 14.87 11.83 -28.39
C ASP C 177 14.51 11.38 -26.98
N ILE C 178 13.97 10.17 -26.90
CA ILE C 178 13.54 9.59 -25.65
C ILE C 178 14.73 9.22 -24.75
N VAL C 179 15.69 8.48 -25.30
CA VAL C 179 16.87 8.10 -24.53
C VAL C 179 17.83 9.28 -24.47
N LYS C 180 18.10 9.75 -23.25
CA LYS C 180 19.08 10.81 -23.02
C LYS C 180 19.58 10.67 -21.58
N ILE C 181 20.76 10.07 -21.46
CA ILE C 181 21.30 9.71 -20.14
C ILE C 181 21.76 10.97 -19.42
N GLY C 182 21.52 11.01 -18.12
CA GLY C 182 21.92 12.14 -17.31
C GLY C 182 21.14 12.23 -16.02
N CYS C 183 21.49 13.20 -15.20
CA CYS C 183 20.85 13.40 -13.91
C CYS C 183 20.27 14.82 -13.84
N GLN C 184 20.68 15.58 -12.83
CA GLN C 184 20.10 16.91 -12.57
C GLN C 184 20.45 18.00 -13.58
N GLU C 185 21.45 17.77 -14.43
CA GLU C 185 21.76 18.73 -15.50
C GLU C 185 20.65 18.85 -16.54
N PHE C 186 19.90 17.76 -16.73
CA PHE C 186 18.78 17.75 -17.68
C PHE C 186 17.42 17.55 -17.00
N TYR C 187 17.42 16.86 -15.87
CA TYR C 187 16.16 16.32 -15.31
C TYR C 187 15.75 16.84 -13.93
N SER C 188 14.43 16.95 -13.74
CA SER C 188 13.86 17.22 -12.43
C SER C 188 12.55 16.45 -12.24
N ALA C 189 12.14 16.28 -10.99
CA ALA C 189 10.85 15.66 -10.70
C ALA C 189 9.80 16.73 -10.43
N VAL C 190 8.62 16.52 -10.99
CA VAL C 190 7.52 17.48 -10.88
C VAL C 190 6.19 16.76 -10.70
N CYS C 191 5.22 17.48 -10.13
CA CYS C 191 3.84 17.01 -10.08
C CYS C 191 3.24 17.16 -11.48
N ARG C 192 2.03 16.65 -11.66
CA ARG C 192 1.32 16.71 -12.94
C ARG C 192 1.19 18.15 -13.46
N HIS C 193 0.77 19.07 -12.59
CA HIS C 193 0.54 20.47 -12.97
C HIS C 193 1.80 21.16 -13.48
N HIS C 194 2.97 20.73 -12.99
CA HIS C 194 4.24 21.36 -13.35
C HIS C 194 5.04 20.59 -14.40
N HIS C 195 4.39 19.58 -14.97
CA HIS C 195 4.93 18.89 -16.14
C HIS C 195 4.29 19.48 -17.38
N LYS C 196 5.10 20.13 -18.20
CA LYS C 196 4.61 20.70 -19.45
C LYS C 196 5.52 20.25 -20.59
N VAL C 197 4.92 19.74 -21.66
CA VAL C 197 5.69 19.36 -22.83
C VAL C 197 5.25 20.21 -24.02
N PRO C 198 6.14 21.10 -24.51
CA PRO C 198 5.84 21.86 -25.72
C PRO C 198 5.51 20.93 -26.89
N ASN C 199 4.51 21.34 -27.68
CA ASN C 199 4.04 20.59 -28.86
C ASN C 199 3.49 19.19 -28.58
N ARG C 200 3.01 18.98 -27.35
CA ARG C 200 2.27 17.77 -27.01
C ARG C 200 1.00 17.72 -27.87
N PRO C 201 0.82 16.63 -28.64
CA PRO C 201 -0.36 16.46 -29.50
C PRO C 201 -1.57 15.91 -28.77
N TYR C 202 -2.76 16.20 -29.29
CA TYR C 202 -3.99 15.66 -28.73
C TYR C 202 -4.59 14.68 -29.73
N LEU C 203 -4.82 13.45 -29.26
CA LEU C 203 -5.29 12.37 -30.12
C LEU C 203 -6.81 12.39 -30.32
N ASN C 204 -7.55 12.85 -29.31
CA ASN C 204 -9.00 12.94 -29.38
C ASN C 204 -9.45 14.29 -29.88
N SER C 205 -10.38 14.28 -30.83
CA SER C 205 -10.78 15.51 -31.54
C SER C 205 -11.52 16.53 -30.67
N ASN C 206 -12.04 16.10 -29.53
CA ASN C 206 -12.77 17.01 -28.64
C ASN C 206 -11.97 17.46 -27.41
N SER C 207 -10.68 17.13 -27.39
CA SER C 207 -9.81 17.40 -26.24
C SER C 207 -9.47 18.89 -26.06
N GLU C 208 -9.07 19.54 -27.14
CA GLU C 208 -8.75 20.97 -27.12
C GLU C 208 -10.01 21.82 -26.95
N GLU C 209 -11.11 21.34 -27.51
CA GLU C 209 -12.44 21.93 -27.31
C GLU C 209 -12.79 21.95 -25.82
N PHE C 210 -12.55 20.83 -25.13
CA PHE C 210 -12.85 20.70 -23.70
C PHE C 210 -11.99 21.60 -22.82
N ILE C 211 -10.69 21.67 -23.11
CA ILE C 211 -9.76 22.53 -22.37
C ILE C 211 -10.19 24.01 -22.46
N LYS C 212 -10.45 24.47 -23.68
CA LYS C 212 -10.92 25.84 -23.90
C LYS C 212 -12.27 26.10 -23.22
N PHE C 213 -13.19 25.14 -23.34
CA PHE C 213 -14.50 25.23 -22.70
C PHE C 213 -14.38 25.37 -21.19
N PHE C 214 -13.56 24.52 -20.58
CA PHE C 214 -13.40 24.50 -19.13
C PHE C 214 -12.62 25.72 -18.63
N LYS C 215 -11.68 26.18 -19.45
CA LYS C 215 -10.89 27.39 -19.17
C LYS C 215 -11.76 28.58 -18.76
N ASN C 216 -12.86 28.80 -19.49
CA ASN C 216 -13.83 29.85 -19.17
C ASN C 216 -14.58 29.57 -17.86
N LYS C 217 -14.52 30.54 -16.95
CA LYS C 217 -15.10 30.39 -15.61
C LYS C 217 -16.41 31.14 -15.46
N GLY D 12 0.61 20.06 8.19
CA GLY D 12 1.59 18.95 8.41
C GLY D 12 0.94 17.63 8.75
N TRP D 13 1.76 16.59 8.90
CA TRP D 13 1.28 15.23 9.17
C TRP D 13 2.40 14.33 9.68
N ILE D 14 2.02 13.11 10.09
CA ILE D 14 2.94 12.11 10.64
C ILE D 14 2.99 10.86 9.78
N GLU D 15 4.21 10.46 9.37
CA GLU D 15 4.45 9.17 8.72
C GLU D 15 5.20 8.25 9.69
N PHE D 16 4.76 7.00 9.80
CA PHE D 16 5.38 6.04 10.71
C PHE D 16 5.87 4.83 9.92
N ILE D 17 7.19 4.60 9.97
CA ILE D 17 7.82 3.44 9.37
C ILE D 17 8.15 2.43 10.46
N THR D 18 7.68 1.20 10.33
CA THR D 18 7.90 0.23 11.40
C THR D 18 8.11 -1.20 10.91
N GLY D 19 8.13 -2.15 11.84
CA GLY D 19 8.45 -3.56 11.55
C GLY D 19 9.68 -4.03 12.32
N PRO D 20 10.11 -5.28 12.08
CA PRO D 20 11.19 -5.87 12.87
C PRO D 20 12.59 -5.38 12.50
N MET D 21 13.60 -5.92 13.16
CA MET D 21 14.98 -5.64 12.80
C MET D 21 15.25 -6.27 11.44
N PHE D 22 16.18 -5.67 10.70
CA PHE D 22 16.61 -6.16 9.39
C PHE D 22 15.55 -6.01 8.28
N ALA D 23 14.59 -5.12 8.51
CA ALA D 23 13.52 -4.82 7.54
C ALA D 23 13.86 -3.64 6.63
N GLY D 24 14.92 -2.90 6.98
CA GLY D 24 15.34 -1.73 6.22
C GLY D 24 14.68 -0.43 6.63
N LYS D 25 14.25 -0.30 7.89
CA LYS D 25 13.46 0.85 8.33
C LYS D 25 14.24 2.17 8.21
N THR D 26 15.45 2.19 8.72
CA THR D 26 16.30 3.37 8.61
C THR D 26 16.64 3.70 7.16
N ALA D 27 16.94 2.67 6.36
CA ALA D 27 17.13 2.83 4.91
C ALA D 27 15.94 3.56 4.26
N GLU D 28 14.73 3.24 4.71
CA GLU D 28 13.49 3.82 4.17
C GLU D 28 13.31 5.27 4.62
N LEU D 29 13.59 5.55 5.91
CA LEU D 29 13.63 6.92 6.40
C LEU D 29 14.60 7.77 5.57
N ILE D 30 15.80 7.23 5.34
CA ILE D 30 16.82 7.95 4.58
C ILE D 30 16.32 8.20 3.16
N ARG D 31 15.68 7.21 2.56
CA ARG D 31 15.12 7.36 1.21
C ARG D 31 14.13 8.50 1.13
N ARG D 32 13.20 8.57 2.09
CA ARG D 32 12.16 9.58 2.07
C ARG D 32 12.76 10.99 2.22
N LEU D 33 13.77 11.11 3.08
CA LEU D 33 14.42 12.39 3.32
C LEU D 33 15.34 12.85 2.20
N HIS D 34 16.05 11.90 1.58
CA HIS D 34 16.92 12.19 0.44
C HIS D 34 16.17 12.83 -0.73
N ARG D 35 14.91 12.45 -0.93
CA ARG D 35 14.06 13.01 -1.99
C ARG D 35 13.92 14.52 -1.92
N LEU D 36 13.94 15.06 -0.71
CA LEU D 36 13.74 16.48 -0.46
C LEU D 36 14.87 17.34 -1.00
N GLU D 37 16.06 16.75 -1.03
CA GLU D 37 17.28 17.46 -1.43
C GLU D 37 17.23 17.92 -2.87
N TYR D 38 16.64 17.11 -3.75
CA TYR D 38 16.55 17.45 -5.16
C TYR D 38 15.57 18.58 -5.40
N ALA D 39 14.61 18.74 -4.49
CA ALA D 39 13.64 19.81 -4.55
C ALA D 39 14.03 21.02 -3.68
N ASP D 40 15.21 20.96 -3.07
CA ASP D 40 15.73 22.05 -2.24
C ASP D 40 14.87 22.25 -0.97
N VAL D 41 14.33 21.15 -0.42
CA VAL D 41 13.52 21.20 0.79
C VAL D 41 14.35 20.75 2.01
N LYS D 42 14.41 21.61 3.03
CA LYS D 42 15.20 21.34 4.22
C LYS D 42 14.49 20.41 5.20
N TYR D 43 15.27 19.53 5.82
CA TYR D 43 14.78 18.60 6.81
C TYR D 43 15.78 18.56 7.96
N LEU D 44 15.37 17.94 9.06
CA LEU D 44 16.23 17.77 10.23
C LEU D 44 15.90 16.42 10.87
N VAL D 45 16.95 15.67 11.19
CA VAL D 45 16.78 14.33 11.74
C VAL D 45 17.17 14.32 13.22
N PHE D 46 16.33 13.69 14.04
CA PHE D 46 16.65 13.45 15.45
C PHE D 46 16.79 11.95 15.73
N LYS D 47 17.68 11.62 16.67
CA LYS D 47 17.80 10.23 17.16
C LYS D 47 18.01 10.21 18.68
N PRO D 48 17.48 9.17 19.36
CA PRO D 48 17.62 9.08 20.82
C PRO D 48 19.03 8.76 21.26
N LYS D 49 19.29 8.98 22.55
CA LYS D 49 20.55 8.69 23.24
C LYS D 49 21.61 9.77 23.01
N SER D 54 27.52 5.00 15.42
CA SER D 54 27.80 6.42 15.14
C SER D 54 26.82 7.35 15.86
N ILE D 55 27.35 8.45 16.39
CA ILE D 55 26.55 9.41 17.14
C ILE D 55 26.13 10.63 16.33
N ARG D 56 26.80 10.87 15.20
CA ARG D 56 26.58 12.08 14.42
C ARG D 56 25.56 11.91 13.30
N ASN D 57 25.11 10.68 13.10
CA ASN D 57 24.26 10.37 11.95
C ASN D 57 23.41 9.12 12.14
N ILE D 58 22.44 8.98 11.25
CA ILE D 58 21.71 7.71 11.10
C ILE D 58 22.24 7.05 9.84
N GLN D 59 22.27 5.71 9.81
CA GLN D 59 22.79 4.97 8.66
C GLN D 59 22.07 3.65 8.46
N SER D 60 21.90 3.25 7.21
CA SER D 60 21.42 1.90 6.89
C SER D 60 22.61 0.95 6.86
N ARG D 61 22.35 -0.34 6.66
CA ARG D 61 23.41 -1.36 6.68
C ARG D 61 24.07 -1.61 5.33
N THR D 62 23.70 -0.78 4.35
CA THR D 62 24.38 -0.74 3.04
C THR D 62 25.14 0.58 2.88
N GLY D 63 25.26 1.34 3.96
CA GLY D 63 26.13 2.51 3.96
C GLY D 63 25.50 3.82 3.52
N THR D 64 24.17 3.86 3.42
CA THR D 64 23.49 5.15 3.21
C THR D 64 23.39 5.83 4.58
N SER D 65 23.45 7.16 4.61
CA SER D 65 23.51 7.87 5.88
C SER D 65 23.08 9.31 5.74
N LEU D 66 22.59 9.88 6.84
CA LEU D 66 22.27 11.30 6.90
C LEU D 66 22.71 11.83 8.25
N PRO D 67 23.13 13.11 8.30
CA PRO D 67 23.44 13.70 9.61
C PRO D 67 22.19 13.81 10.50
N SER D 68 22.40 13.83 11.81
CA SER D 68 21.31 13.89 12.77
C SER D 68 21.74 14.56 14.08
N VAL D 69 20.76 15.08 14.81
CA VAL D 69 20.96 15.63 16.15
C VAL D 69 20.49 14.57 17.14
N GLU D 70 21.30 14.26 18.14
CA GLU D 70 20.83 13.30 19.13
C GLU D 70 20.26 13.96 20.38
N VAL D 71 19.15 13.41 20.84
CA VAL D 71 18.41 13.96 21.97
C VAL D 71 18.17 12.89 23.04
N GLU D 72 18.11 13.32 24.29
CA GLU D 72 17.86 12.40 25.39
C GLU D 72 16.37 12.12 25.58
N SER D 73 15.54 13.09 25.21
CA SER D 73 14.10 12.99 25.43
C SER D 73 13.31 13.72 24.35
N ALA D 74 12.03 13.39 24.25
CA ALA D 74 11.15 13.96 23.22
C ALA D 74 11.01 15.48 23.30
N PRO D 75 10.78 16.05 24.50
CA PRO D 75 10.66 17.51 24.63
C PRO D 75 11.87 18.32 24.12
N GLU D 76 13.06 17.75 24.20
CA GLU D 76 14.27 18.36 23.65
C GLU D 76 14.21 18.62 22.15
N ILE D 77 13.37 17.86 21.44
CA ILE D 77 13.17 18.08 20.00
C ILE D 77 12.58 19.49 19.78
N LEU D 78 11.54 19.81 20.56
CA LEU D 78 10.88 21.12 20.49
C LEU D 78 11.80 22.25 20.95
N ASN D 79 12.59 21.99 21.99
CA ASN D 79 13.61 22.94 22.45
C ASN D 79 14.61 23.29 21.36
N TYR D 80 15.11 22.27 20.66
CA TYR D 80 16.05 22.46 19.55
C TYR D 80 15.41 23.33 18.47
N ILE D 81 14.16 23.03 18.13
CA ILE D 81 13.42 23.76 17.10
C ILE D 81 13.19 25.22 17.50
N MET D 82 13.11 25.49 18.81
CA MET D 82 12.95 26.85 19.32
C MET D 82 14.26 27.63 19.46
N SER D 83 15.39 26.99 19.16
CA SER D 83 16.71 27.60 19.35
C SER D 83 17.28 28.21 18.07
N ASN D 84 18.41 28.91 18.22
CA ASN D 84 19.12 29.54 17.10
C ASN D 84 19.78 28.53 16.14
N SER D 85 19.98 27.31 16.62
CA SER D 85 20.54 26.22 15.81
C SER D 85 19.57 25.70 14.74
N PHE D 86 18.29 26.00 14.92
CA PHE D 86 17.25 25.53 14.00
C PHE D 86 17.13 26.43 12.77
N ASN D 87 17.21 25.82 11.59
CA ASN D 87 16.96 26.52 10.32
C ASN D 87 15.45 26.70 10.10
N ASP D 88 15.03 27.95 9.95
CA ASP D 88 13.61 28.34 9.78
C ASP D 88 12.97 27.80 8.49
N GLU D 89 13.81 27.38 7.54
CA GLU D 89 13.33 26.85 6.28
C GLU D 89 12.94 25.38 6.41
N THR D 90 13.25 24.76 7.55
CA THR D 90 13.02 23.33 7.76
C THR D 90 11.53 23.00 7.72
N LYS D 91 11.18 22.09 6.82
CA LYS D 91 9.78 21.70 6.62
C LYS D 91 9.52 20.29 7.16
N VAL D 92 10.56 19.46 7.15
CA VAL D 92 10.41 18.04 7.48
C VAL D 92 11.27 17.69 8.68
N ILE D 93 10.66 17.00 9.64
CA ILE D 93 11.38 16.47 10.81
C ILE D 93 11.41 14.94 10.77
N GLY D 94 12.62 14.38 10.77
CA GLY D 94 12.79 12.92 10.85
C GLY D 94 13.17 12.46 12.23
N ILE D 95 12.67 11.29 12.63
CA ILE D 95 13.01 10.71 13.94
C ILE D 95 13.27 9.20 13.79
N ASP D 96 14.47 8.77 14.17
CA ASP D 96 14.87 7.37 14.04
C ASP D 96 14.91 6.69 15.41
N GLU D 97 14.80 5.35 15.41
CA GLU D 97 14.85 4.51 16.61
C GLU D 97 13.86 5.00 17.68
N VAL D 98 12.65 5.34 17.25
CA VAL D 98 11.67 5.98 18.12
C VAL D 98 11.28 5.17 19.36
N GLN D 99 11.41 3.84 19.28
CA GLN D 99 11.10 2.95 20.42
C GLN D 99 11.91 3.25 21.70
N PHE D 100 12.97 4.03 21.56
CA PHE D 100 13.81 4.38 22.72
C PHE D 100 13.33 5.63 23.48
N PHE D 101 12.44 6.40 22.86
CA PHE D 101 11.77 7.50 23.55
C PHE D 101 10.68 6.96 24.48
N ASP D 102 10.15 7.82 25.34
CA ASP D 102 9.00 7.46 26.17
C ASP D 102 7.69 8.00 25.59
N ASP D 103 6.62 7.92 26.38
CA ASP D 103 5.26 8.34 25.98
C ASP D 103 5.17 9.76 25.45
N ARG D 104 6.03 10.65 25.94
CA ARG D 104 6.03 12.07 25.57
C ARG D 104 6.27 12.33 24.07
N ILE D 105 6.77 11.33 23.36
CA ILE D 105 7.03 11.45 21.93
C ILE D 105 5.74 11.70 21.11
N CYS D 106 4.62 11.18 21.59
CA CYS D 106 3.34 11.32 20.88
C CYS D 106 2.88 12.77 20.81
N GLU D 107 2.84 13.43 21.96
CA GLU D 107 2.49 14.85 22.05
C GLU D 107 3.40 15.72 21.19
N VAL D 108 4.71 15.47 21.25
CA VAL D 108 5.68 16.21 20.45
C VAL D 108 5.40 16.04 18.95
N ALA D 109 5.22 14.80 18.53
CA ALA D 109 4.92 14.50 17.13
C ALA D 109 3.61 15.16 16.69
N ASN D 110 2.55 15.03 17.51
CA ASN D 110 1.26 15.68 17.22
C ASN D 110 1.39 17.20 17.10
N ILE D 111 2.12 17.82 18.03
CA ILE D 111 2.26 19.28 18.05
C ILE D 111 2.97 19.80 16.80
N LEU D 112 4.01 19.08 16.38
CA LEU D 112 4.74 19.39 15.16
C LEU D 112 3.82 19.29 13.94
N ALA D 113 3.10 18.18 13.80
CA ALA D 113 2.13 18.03 12.72
C ALA D 113 1.06 19.14 12.72
N GLU D 114 0.60 19.52 13.92
CA GLU D 114 -0.37 20.61 14.05
C GLU D 114 0.21 21.98 13.70
N ASN D 115 1.52 22.10 13.78
CA ASN D 115 2.20 23.37 13.52
C ASN D 115 2.88 23.42 12.15
N GLY D 116 2.49 22.49 11.28
CA GLY D 116 2.85 22.55 9.86
C GLY D 116 4.03 21.72 9.41
N PHE D 117 4.58 20.91 10.30
CA PHE D 117 5.71 20.04 9.99
C PHE D 117 5.26 18.67 9.51
N VAL D 118 6.01 18.11 8.57
CA VAL D 118 5.89 16.71 8.22
C VAL D 118 6.85 15.93 9.12
N VAL D 119 6.32 14.98 9.88
CA VAL D 119 7.15 14.20 10.80
C VAL D 119 7.26 12.77 10.32
N ILE D 120 8.45 12.37 9.92
CA ILE D 120 8.68 11.00 9.46
C ILE D 120 9.43 10.23 10.53
N ILE D 121 8.79 9.17 11.01
CA ILE D 121 9.23 8.48 12.22
C ILE D 121 9.54 7.02 11.93
N SER D 122 10.71 6.56 12.35
CA SER D 122 11.05 5.16 12.21
C SER D 122 11.38 4.49 13.54
N GLY D 123 10.92 3.25 13.71
CA GLY D 123 11.32 2.45 14.86
C GLY D 123 10.68 1.07 14.92
N LEU D 124 11.16 0.25 15.85
CA LEU D 124 10.62 -1.08 16.10
C LEU D 124 9.23 -1.05 16.70
N ASP D 125 8.37 -1.95 16.24
CA ASP D 125 7.04 -2.08 16.80
C ASP D 125 7.00 -3.04 18.00
N LYS D 126 7.84 -4.07 17.95
CA LYS D 126 7.85 -5.10 18.99
C LYS D 126 9.24 -5.20 19.60
N ASN D 127 9.29 -5.44 20.90
CA ASN D 127 10.53 -5.85 21.56
C ASN D 127 10.77 -7.34 21.33
N PHE D 128 11.81 -7.90 21.95
CA PHE D 128 12.13 -9.33 21.79
C PHE D 128 10.99 -10.27 22.26
N LYS D 129 10.14 -9.80 23.17
CA LYS D 129 9.03 -10.61 23.71
C LYS D 129 7.87 -10.73 22.72
N GLY D 130 7.88 -9.89 21.68
CA GLY D 130 6.75 -9.79 20.77
C GLY D 130 5.70 -8.80 21.26
N GLU D 131 6.01 -8.06 22.31
CA GLU D 131 5.10 -7.06 22.88
C GLU D 131 5.44 -5.64 22.37
N PRO D 132 4.46 -4.69 22.41
CA PRO D 132 4.73 -3.34 21.87
C PRO D 132 5.98 -2.72 22.49
N PHE D 133 6.85 -2.17 21.64
CA PHE D 133 8.13 -1.62 22.10
C PHE D 133 7.98 -0.18 22.61
N GLY D 134 8.00 -0.02 23.93
CA GLY D 134 7.91 1.30 24.54
C GLY D 134 6.61 2.04 24.26
N PRO D 135 6.71 3.24 23.67
CA PRO D 135 5.58 4.15 23.39
C PRO D 135 4.90 3.97 22.03
N ILE D 136 5.39 3.05 21.21
CA ILE D 136 5.02 3.00 19.80
C ILE D 136 3.56 2.65 19.48
N ALA D 137 2.88 1.94 20.38
CA ALA D 137 1.48 1.55 20.15
C ALA D 137 0.60 2.77 19.81
N LYS D 138 0.78 3.84 20.59
CA LYS D 138 0.06 5.10 20.38
C LYS D 138 0.40 5.80 19.08
N LEU D 139 1.65 5.65 18.61
CA LEU D 139 2.10 6.29 17.37
C LEU D 139 1.37 5.77 16.14
N PHE D 140 1.03 4.48 16.16
CA PHE D 140 0.18 3.89 15.14
C PHE D 140 -1.13 4.67 15.00
N THR D 141 -1.70 5.06 16.15
CA THR D 141 -2.97 5.80 16.17
C THR D 141 -2.81 7.22 15.64
N TYR D 142 -1.74 7.90 16.06
CA TYR D 142 -1.49 9.30 15.68
C TYR D 142 -0.93 9.49 14.27
N ALA D 143 -0.33 8.45 13.70
CA ALA D 143 0.30 8.51 12.37
C ALA D 143 -0.74 8.53 11.27
N ASP D 144 -0.71 9.58 10.45
CA ASP D 144 -1.53 9.65 9.23
C ASP D 144 -1.23 8.47 8.30
N LYS D 145 0.05 8.12 8.22
CA LYS D 145 0.51 7.09 7.30
C LYS D 145 1.33 6.03 8.03
N ILE D 146 0.97 4.76 7.84
CA ILE D 146 1.68 3.65 8.45
C ILE D 146 2.33 2.78 7.37
N THR D 147 3.63 2.53 7.52
CA THR D 147 4.35 1.57 6.68
C THR D 147 4.96 0.51 7.58
N LYS D 148 4.31 -0.65 7.66
CA LYS D 148 4.86 -1.78 8.39
C LYS D 148 5.69 -2.61 7.43
N LEU D 149 7.01 -2.53 7.57
CA LEU D 149 7.93 -3.26 6.72
C LEU D 149 8.18 -4.65 7.28
N THR D 150 8.58 -5.56 6.41
CA THR D 150 8.89 -6.91 6.82
C THR D 150 10.36 -7.18 6.55
N ALA D 151 10.94 -8.05 7.39
CA ALA D 151 12.23 -8.64 7.09
C ALA D 151 12.00 -10.03 6.48
N ILE D 152 13.07 -10.81 6.34
CA ILE D 152 12.98 -12.17 5.82
C ILE D 152 13.30 -13.14 6.95
N CYS D 153 12.42 -14.12 7.16
CA CYS D 153 12.62 -15.10 8.25
C CYS D 153 13.95 -15.85 8.11
N ASN D 154 14.75 -15.76 9.16
CA ASN D 154 16.05 -16.41 9.23
C ASN D 154 15.91 -17.94 9.20
N GLU D 155 14.75 -18.42 9.65
CA GLU D 155 14.45 -19.86 9.66
C GLU D 155 13.82 -20.41 8.38
N CYS D 156 12.83 -19.72 7.83
CA CYS D 156 12.04 -20.28 6.71
C CYS D 156 11.93 -19.42 5.46
N GLY D 157 12.45 -18.20 5.52
CA GLY D 157 12.46 -17.32 4.35
C GLY D 157 11.14 -16.61 4.04
N ALA D 158 10.09 -16.91 4.81
CA ALA D 158 8.84 -16.17 4.75
C ALA D 158 9.02 -14.73 5.25
N GLU D 159 8.03 -13.89 5.00
CA GLU D 159 8.01 -12.52 5.53
C GLU D 159 8.11 -12.55 7.06
N ALA D 160 9.10 -11.82 7.58
CA ALA D 160 9.37 -11.77 9.01
C ALA D 160 8.78 -10.53 9.67
N THR D 161 8.13 -10.73 10.81
CA THR D 161 7.34 -9.70 11.48
C THR D 161 7.82 -9.45 12.92
N HIS D 162 8.72 -10.29 13.40
CA HIS D 162 9.19 -10.30 14.78
C HIS D 162 10.70 -10.23 14.84
N SER D 163 11.23 -9.69 15.94
CA SER D 163 12.67 -9.78 16.24
C SER D 163 12.90 -10.82 17.31
N LEU D 164 13.79 -11.78 17.02
CA LEU D 164 14.12 -12.84 17.95
C LEU D 164 15.49 -12.58 18.55
N ARG D 165 15.56 -12.62 19.87
CA ARG D 165 16.83 -12.53 20.58
C ARG D 165 17.27 -13.91 21.02
N LYS D 166 18.54 -14.22 20.75
CA LYS D 166 19.14 -15.49 21.17
C LYS D 166 20.36 -15.26 22.05
N ILE D 167 20.42 -15.99 23.16
CA ILE D 167 21.55 -15.96 24.08
C ILE D 167 22.20 -17.34 24.08
N ASP D 168 23.45 -17.41 23.62
CA ASP D 168 24.19 -18.68 23.48
C ASP D 168 23.45 -19.70 22.62
N GLY D 169 22.76 -19.23 21.59
CA GLY D 169 22.01 -20.09 20.67
C GLY D 169 20.63 -20.47 21.17
N LYS D 170 20.29 -20.05 22.38
CA LYS D 170 19.00 -20.37 22.99
C LYS D 170 18.13 -19.12 23.09
N HIS D 171 16.84 -19.28 22.76
CA HIS D 171 15.86 -18.19 22.77
C HIS D 171 15.82 -17.47 24.12
N ALA D 172 15.73 -16.14 24.05
CA ALA D 172 15.66 -15.30 25.24
C ALA D 172 14.37 -15.52 26.03
N ASP D 173 14.50 -15.57 27.36
CA ASP D 173 13.37 -15.78 28.26
C ASP D 173 12.50 -14.53 28.34
N TYR D 174 11.20 -14.74 28.58
CA TYR D 174 10.21 -13.65 28.66
C TYR D 174 10.58 -12.53 29.62
N ASN D 175 11.23 -12.88 30.73
CA ASN D 175 11.53 -11.92 31.79
C ASN D 175 12.88 -11.18 31.67
N ASP D 176 13.55 -11.37 30.54
CA ASP D 176 14.81 -10.67 30.26
C ASP D 176 14.63 -9.16 30.06
N ASP D 177 15.74 -8.42 30.22
CA ASP D 177 15.75 -6.97 30.02
C ASP D 177 15.36 -6.58 28.61
N ILE D 178 14.48 -5.59 28.50
CA ILE D 178 13.95 -5.15 27.20
C ILE D 178 15.03 -4.48 26.34
N VAL D 179 15.77 -3.55 26.92
CA VAL D 179 16.79 -2.82 26.18
C VAL D 179 18.11 -3.60 26.12
N LYS D 180 18.52 -3.96 24.90
CA LYS D 180 19.83 -4.57 24.65
C LYS D 180 20.32 -4.22 23.24
N ILE D 181 21.39 -3.41 23.18
CA ILE D 181 21.94 -2.95 21.89
C ILE D 181 22.78 -4.03 21.22
N GLY D 182 22.52 -4.26 19.94
CA GLY D 182 23.24 -5.28 19.17
C GLY D 182 22.64 -5.60 17.82
N CYS D 183 23.44 -6.26 16.98
CA CYS D 183 23.04 -6.66 15.65
C CYS D 183 22.87 -8.18 15.58
N GLN D 184 23.43 -8.81 14.56
CA GLN D 184 23.31 -10.26 14.33
C GLN D 184 23.92 -11.14 15.43
N GLU D 185 24.65 -10.54 16.36
CA GLU D 185 25.23 -11.26 17.50
C GLU D 185 24.15 -11.83 18.42
N PHE D 186 23.05 -11.09 18.57
CA PHE D 186 21.96 -11.49 19.45
C PHE D 186 20.63 -11.67 18.72
N TYR D 187 20.43 -10.90 17.66
CA TYR D 187 19.12 -10.75 17.05
C TYR D 187 18.97 -11.33 15.65
N SER D 188 17.78 -11.87 15.38
CA SER D 188 17.38 -12.29 14.05
C SER D 188 15.94 -11.86 13.79
N ALA D 189 15.53 -11.87 12.52
CA ALA D 189 14.15 -11.60 12.17
C ALA D 189 13.44 -12.91 11.83
N VAL D 190 12.23 -13.05 12.35
CA VAL D 190 11.44 -14.28 12.18
C VAL D 190 9.98 -13.97 11.93
N CYS D 191 9.30 -14.92 11.28
CA CYS D 191 7.84 -14.92 11.19
C CYS D 191 7.25 -15.25 12.57
N ARG D 192 5.94 -15.05 12.70
CA ARG D 192 5.20 -15.37 13.93
C ARG D 192 5.39 -16.81 14.42
N HIS D 193 5.32 -17.77 13.50
CA HIS D 193 5.47 -19.18 13.84
C HIS D 193 6.85 -19.48 14.42
N HIS D 194 7.87 -18.79 13.91
CA HIS D 194 9.24 -19.02 14.37
C HIS D 194 9.67 -18.06 15.48
N HIS D 195 8.71 -17.33 16.03
CA HIS D 195 8.96 -16.51 17.22
C HIS D 195 8.45 -17.25 18.45
N LYS D 196 9.37 -17.75 19.25
CA LYS D 196 9.04 -18.47 20.46
C LYS D 196 9.74 -17.83 21.66
N VAL D 197 8.97 -17.59 22.72
CA VAL D 197 9.51 -17.00 23.94
C VAL D 197 9.14 -17.88 25.12
N PRO D 198 10.16 -18.52 25.73
CA PRO D 198 9.95 -19.34 26.94
C PRO D 198 9.29 -18.53 28.05
N ASN D 199 8.40 -19.20 28.79
CA ASN D 199 7.68 -18.60 29.92
C ASN D 199 6.78 -17.42 29.55
N ARG D 200 6.24 -17.43 28.33
CA ARG D 200 5.20 -16.47 27.94
C ARG D 200 3.93 -16.75 28.72
N PRO D 201 3.46 -15.76 29.52
CA PRO D 201 2.27 -15.96 30.34
C PRO D 201 0.97 -15.77 29.56
N TYR D 202 -0.04 -16.54 29.91
CA TYR D 202 -1.37 -16.34 29.37
C TYR D 202 -2.19 -15.52 30.36
N LEU D 203 -2.74 -14.40 29.89
CA LEU D 203 -3.47 -13.46 30.73
C LEU D 203 -4.95 -13.80 30.88
N ASN D 204 -5.54 -14.37 29.83
CA ASN D 204 -6.93 -14.83 29.88
C ASN D 204 -7.02 -16.24 30.44
N SER D 205 -8.00 -16.47 31.31
CA SER D 205 -8.12 -17.74 32.04
C SER D 205 -8.56 -18.93 31.18
N ASN D 206 -8.96 -18.66 29.94
CA ASN D 206 -9.42 -19.72 29.04
C ASN D 206 -8.53 -19.94 27.81
N SER D 207 -7.41 -19.24 27.75
CA SER D 207 -6.50 -19.32 26.61
C SER D 207 -5.75 -20.64 26.54
N GLU D 208 -5.30 -21.12 27.70
CA GLU D 208 -4.55 -22.36 27.80
C GLU D 208 -5.42 -23.58 27.48
N GLU D 209 -6.70 -23.51 27.89
CA GLU D 209 -7.65 -24.58 27.59
C GLU D 209 -8.10 -24.60 26.14
N PHE D 210 -8.04 -23.45 25.47
CA PHE D 210 -8.37 -23.35 24.05
C PHE D 210 -7.32 -24.04 23.20
N ILE D 211 -6.05 -23.69 23.42
CA ILE D 211 -4.93 -24.27 22.70
C ILE D 211 -4.92 -25.80 22.85
N LYS D 212 -5.10 -26.26 24.08
CA LYS D 212 -5.11 -27.68 24.42
C LYS D 212 -6.28 -28.42 23.76
N PHE D 213 -7.44 -27.75 23.70
CA PHE D 213 -8.63 -28.28 23.04
C PHE D 213 -8.43 -28.35 21.53
N PHE D 214 -7.92 -27.27 20.95
CA PHE D 214 -7.76 -27.15 19.50
C PHE D 214 -6.71 -28.11 18.93
N LYS D 215 -5.61 -28.27 19.68
CA LYS D 215 -4.56 -29.23 19.32
C LYS D 215 -5.14 -30.65 19.28
N ASN D 216 -5.98 -30.96 20.26
CA ASN D 216 -6.64 -32.26 20.35
C ASN D 216 -7.69 -32.47 19.25
N LYS D 217 -8.28 -31.39 18.77
CA LYS D 217 -9.28 -31.45 17.69
C LYS D 217 -8.71 -31.96 16.37
N LYS D 218 -7.37 -32.03 16.28
CA LYS D 218 -6.68 -32.64 15.15
C LYS D 218 -6.67 -34.18 15.21
N ARG D 219 -7.33 -34.75 16.23
CA ARG D 219 -7.44 -36.19 16.41
C ARG D 219 -8.04 -36.92 15.20
#